data_3DB1
#
_entry.id   3DB1
#
_cell.length_a   78.081
_cell.length_b   117.025
_cell.length_c   121.666
_cell.angle_alpha   90.00
_cell.angle_beta   90.00
_cell.angle_gamma   90.00
#
_symmetry.space_group_name_H-M   'P 21 21 21'
#
loop_
_entity.id
_entity.type
_entity.pdbx_description
1 polymer 'STS-2 protein'
2 non-polymer 'PHOSPHATE ION'
3 water water
#
_entity_poly.entity_id   1
_entity_poly.type   'polypeptide(L)'
_entity_poly.pdbx_seq_one_letter_code
;AMGSATISRRGILVIRHGERVDQVFGKSWLQQCTTADGKYYRPDLNFPRSLPRRSNGIKDFENDPPLSSCGIFQARLAGE
ALLDSGVRVTAVFASPALRCVQTAKHILEELKLEKKLKIRVEPGIFEWMKWEASKATLTFLTLEELKEANFNVDLDYRPA
LPRCSLMPAESYDQYVERCAVSMGQIINTCPQDMGITLIVSHSSALDSCTRPLLGLPPRECGDFAQLVRKIPSLGMCFCE
ENREDGKWDLVNPPVKTLTHGANSVFNWRNWIS
;
_entity_poly.pdbx_strand_id   A,B,C,D
#
loop_
_chem_comp.id
_chem_comp.type
_chem_comp.name
_chem_comp.formula
PO4 non-polymer 'PHOSPHATE ION' 'O4 P -3'
#
# COMPACT_ATOMS: atom_id res chain seq x y z
N ILE A 7 -28.33 33.50 3.63
CA ILE A 7 -27.09 34.22 3.20
C ILE A 7 -25.88 33.31 2.97
N SER A 8 -24.91 33.84 2.24
CA SER A 8 -23.61 33.22 2.10
C SER A 8 -22.59 33.87 3.03
N ARG A 9 -21.56 33.09 3.34
CA ARG A 9 -20.41 33.53 4.10
C ARG A 9 -19.15 33.51 3.25
N ARG A 10 -18.07 34.05 3.80
CA ARG A 10 -16.78 34.01 3.16
C ARG A 10 -16.05 32.79 3.68
N GLY A 11 -15.41 32.03 2.80
CA GLY A 11 -14.67 30.82 3.20
C GLY A 11 -13.26 30.62 2.69
N ILE A 12 -12.47 29.88 3.43
CA ILE A 12 -11.13 29.48 3.01
C ILE A 12 -11.04 27.93 2.91
N LEU A 13 -10.65 27.44 1.75
CA LEU A 13 -10.55 25.98 1.55
C LEU A 13 -9.07 25.59 1.31
N VAL A 14 -8.43 25.01 2.32
CA VAL A 14 -7.07 24.58 2.12
C VAL A 14 -7.13 23.18 1.52
N ILE A 15 -6.34 22.98 0.46
CA ILE A 15 -6.38 21.73 -0.30
C ILE A 15 -4.99 21.19 -0.52
N ARG A 16 -4.74 19.94 -0.16
CA ARG A 16 -3.43 19.33 -0.44
C ARG A 16 -3.27 18.99 -1.94
N HIS A 17 -2.05 19.13 -2.47
CA HIS A 17 -1.77 18.76 -3.88
C HIS A 17 -2.06 17.28 -4.11
N GLY A 18 -2.17 16.89 -5.40
CA GLY A 18 -2.35 15.50 -5.82
C GLY A 18 -1.08 14.69 -5.73
N GLU A 19 -1.19 13.38 -5.94
CA GLU A 19 -0.06 12.45 -5.92
C GLU A 19 1.10 12.95 -6.77
N ARG A 20 2.29 12.98 -6.17
CA ARG A 20 3.51 13.35 -6.88
C ARG A 20 4.29 12.12 -7.35
N VAL A 21 4.99 12.20 -8.49
CA VAL A 21 5.59 10.97 -9.06
C VAL A 21 6.53 10.29 -8.10
N ASP A 22 7.28 11.08 -7.35
CA ASP A 22 8.30 10.51 -6.49
C ASP A 22 7.65 9.77 -5.29
N GLN A 23 6.42 10.15 -4.92
CA GLN A 23 5.65 9.37 -3.96
C GLN A 23 5.47 7.91 -4.43
N VAL A 24 5.43 7.67 -5.75
CA VAL A 24 5.24 6.32 -6.24
C VAL A 24 6.53 5.66 -6.66
N PHE A 25 7.42 6.40 -7.31
CA PHE A 25 8.57 5.74 -7.93
C PHE A 25 9.88 5.99 -7.21
N GLY A 26 9.83 6.85 -6.17
CA GLY A 26 10.97 7.10 -5.29
C GLY A 26 11.90 8.20 -5.77
N LYS A 27 12.99 8.43 -5.03
CA LYS A 27 13.95 9.50 -5.36
C LYS A 27 14.61 9.27 -6.71
N SER A 28 14.77 8.01 -7.06
CA SER A 28 15.29 7.61 -8.37
C SER A 28 14.40 7.88 -9.59
N TRP A 29 13.16 8.33 -9.35
CA TRP A 29 12.20 8.57 -10.42
C TRP A 29 12.80 9.31 -11.63
N LEU A 30 13.52 10.39 -11.38
CA LEU A 30 14.06 11.21 -12.45
C LEU A 30 14.97 10.37 -13.33
N GLN A 31 15.73 9.47 -12.74
CA GLN A 31 16.65 8.60 -13.46
C GLN A 31 15.94 7.51 -14.27
N GLN A 32 14.77 7.11 -13.80
CA GLN A 32 13.99 6.09 -14.46
C GLN A 32 13.33 6.58 -15.74
N CYS A 33 13.19 7.89 -15.89
CA CYS A 33 12.43 8.45 -16.99
C CYS A 33 13.29 9.35 -17.86
N THR A 34 14.59 9.32 -17.55
CA THR A 34 15.64 9.94 -18.35
C THR A 34 16.41 8.94 -19.30
N THR A 35 16.58 9.31 -20.57
CA THR A 35 17.38 8.48 -21.50
C THR A 35 18.89 8.64 -21.34
N ALA A 36 19.61 7.63 -21.85
CA ALA A 36 21.09 7.60 -21.94
C ALA A 36 21.58 8.81 -22.74
N ASP A 37 20.82 9.10 -23.80
CA ASP A 37 20.71 10.40 -24.47
C ASP A 37 20.54 11.59 -23.43
N GLY A 38 19.37 11.70 -22.79
CA GLY A 38 19.13 12.72 -21.74
C GLY A 38 17.73 13.35 -21.75
N LYS A 39 16.87 12.72 -22.55
CA LYS A 39 15.51 13.17 -22.76
C LYS A 39 14.53 12.42 -21.85
N TYR A 40 13.31 12.93 -21.79
CA TYR A 40 12.29 12.35 -20.96
C TYR A 40 11.50 11.31 -21.73
N TYR A 41 11.11 10.23 -21.06
CA TYR A 41 10.18 9.26 -21.63
C TYR A 41 9.32 8.66 -20.51
N ARG A 42 8.19 8.04 -20.84
CA ARG A 42 7.34 7.46 -19.81
C ARG A 42 7.60 5.97 -19.68
N PRO A 43 8.35 5.58 -18.66
CA PRO A 43 8.52 4.14 -18.46
C PRO A 43 7.30 3.43 -17.84
N ASP A 44 6.31 4.21 -17.41
CA ASP A 44 5.08 3.68 -16.80
C ASP A 44 4.03 4.75 -17.02
N LEU A 45 2.81 4.33 -17.22
CA LEU A 45 1.78 5.28 -17.56
C LEU A 45 1.54 6.31 -16.48
N ASN A 46 1.95 6.02 -15.26
CA ASN A 46 1.69 6.97 -14.23
C ASN A 46 2.60 8.20 -14.24
N PHE A 47 3.69 8.13 -15.03
CA PHE A 47 4.51 9.32 -15.33
C PHE A 47 3.68 10.16 -16.28
N PRO A 48 3.71 11.48 -16.11
CA PRO A 48 2.88 12.34 -16.93
C PRO A 48 3.23 12.30 -18.42
N ARG A 49 2.27 12.71 -19.28
CA ARG A 49 2.52 12.84 -20.73
C ARG A 49 3.80 13.59 -21.01
N SER A 50 3.99 14.71 -20.34
CA SER A 50 5.18 15.52 -20.56
C SER A 50 5.53 16.37 -19.34
N LEU A 51 6.77 16.84 -19.32
CA LEU A 51 7.24 17.78 -18.34
C LEU A 51 7.21 19.20 -18.91
N PRO A 52 6.93 20.20 -18.07
CA PRO A 52 6.95 21.56 -18.56
C PRO A 52 8.35 22.05 -18.89
N ARG A 53 8.45 23.11 -19.70
CA ARG A 53 9.75 23.71 -20.09
C ARG A 53 10.47 24.33 -18.89
N ARG A 54 11.72 23.94 -18.67
CA ARG A 54 12.37 24.34 -17.43
C ARG A 54 13.83 24.75 -17.62
N SER A 55 14.22 25.82 -16.90
CA SER A 55 15.62 26.24 -16.80
C SER A 55 16.45 25.06 -16.25
N ASN A 56 17.69 24.90 -16.77
CA ASN A 56 18.57 23.76 -16.45
C ASN A 56 18.12 22.41 -17.05
N GLY A 57 17.22 22.49 -18.01
CA GLY A 57 16.58 21.30 -18.53
C GLY A 57 16.00 20.54 -17.37
N ILE A 58 16.06 19.22 -17.53
CA ILE A 58 15.38 18.28 -16.68
C ILE A 58 15.86 18.18 -15.22
N LYS A 59 17.07 18.62 -14.89
CA LYS A 59 17.70 18.26 -13.59
C LYS A 59 17.01 18.81 -12.35
N ASP A 60 16.24 19.88 -12.54
CA ASP A 60 15.60 20.59 -11.44
C ASP A 60 14.33 19.95 -10.89
N PHE A 61 13.73 19.06 -11.69
CA PHE A 61 12.53 18.37 -11.27
C PHE A 61 12.79 17.48 -10.08
N GLU A 62 14.05 17.07 -9.91
CA GLU A 62 14.43 16.22 -8.81
C GLU A 62 13.92 16.73 -7.46
N ASN A 63 14.10 18.00 -7.19
CA ASN A 63 13.68 18.54 -5.91
C ASN A 63 12.33 19.22 -5.97
N ASP A 64 11.74 19.34 -7.15
CA ASP A 64 10.45 19.96 -7.37
C ASP A 64 9.76 19.09 -8.39
N PRO A 65 9.22 17.93 -7.97
CA PRO A 65 8.64 16.99 -8.89
C PRO A 65 7.20 17.33 -9.31
N PRO A 66 6.74 16.76 -10.47
CA PRO A 66 5.37 16.96 -11.00
C PRO A 66 4.33 15.96 -10.49
N LEU A 67 3.06 16.26 -10.82
CA LEU A 67 1.96 15.40 -10.48
C LEU A 67 2.12 14.14 -11.31
N SER A 68 1.73 13.00 -10.76
CA SER A 68 1.68 11.79 -11.55
C SER A 68 0.39 11.89 -12.35
N SER A 69 0.12 10.91 -13.22
CA SER A 69 -1.10 10.94 -13.99
C SER A 69 -2.24 10.87 -13.00
N CYS A 70 -2.09 9.97 -12.00
CA CYS A 70 -3.09 9.79 -10.95
C CYS A 70 -3.32 11.14 -10.23
N GLY A 71 -2.23 11.82 -9.87
CA GLY A 71 -2.31 13.13 -9.21
C GLY A 71 -3.23 14.03 -10.05
N ILE A 72 -3.08 14.00 -11.37
CA ILE A 72 -3.86 14.86 -12.21
C ILE A 72 -5.31 14.42 -12.16
N PHE A 73 -5.54 13.11 -12.16
CA PHE A 73 -6.90 12.59 -12.14
C PHE A 73 -7.56 13.13 -10.87
N GLN A 74 -6.85 12.97 -9.76
CA GLN A 74 -7.35 13.43 -8.46
C GLN A 74 -7.70 14.93 -8.50
N ALA A 75 -6.80 15.74 -9.07
CA ALA A 75 -7.04 17.19 -9.01
C ALA A 75 -8.30 17.49 -9.84
N ARG A 76 -8.43 16.83 -10.98
CA ARG A 76 -9.51 17.07 -11.87
C ARG A 76 -10.81 16.65 -11.21
N LEU A 77 -10.80 15.47 -10.57
CA LEU A 77 -12.01 14.93 -9.95
C LEU A 77 -12.55 15.95 -8.94
N ALA A 78 -11.68 16.45 -8.06
CA ALA A 78 -12.05 17.45 -7.08
C ALA A 78 -12.57 18.72 -7.74
N GLY A 79 -11.88 19.17 -8.79
CA GLY A 79 -12.32 20.35 -9.53
C GLY A 79 -13.75 20.22 -9.99
N GLU A 80 -14.04 19.12 -10.67
CA GLU A 80 -15.34 18.75 -11.11
C GLU A 80 -16.34 18.75 -9.96
N ALA A 81 -15.91 18.30 -8.79
CA ALA A 81 -16.84 18.15 -7.69
C ALA A 81 -17.20 19.51 -7.16
N LEU A 82 -16.24 20.43 -7.22
CA LEU A 82 -16.48 21.79 -6.80
C LEU A 82 -17.43 22.43 -7.78
N LEU A 83 -17.24 22.21 -9.07
CA LEU A 83 -18.23 22.70 -10.03
C LEU A 83 -19.60 22.21 -9.63
N ASP A 84 -19.74 20.89 -9.47
CA ASP A 84 -21.03 20.27 -9.17
C ASP A 84 -21.65 20.77 -7.90
N SER A 85 -20.83 21.13 -6.91
CA SER A 85 -21.33 21.54 -5.61
C SER A 85 -22.10 22.87 -5.72
N GLY A 86 -21.81 23.62 -6.78
CA GLY A 86 -22.47 24.89 -7.02
C GLY A 86 -21.81 26.08 -6.34
N VAL A 87 -20.79 25.82 -5.52
CA VAL A 87 -20.11 26.89 -4.79
C VAL A 87 -19.43 27.86 -5.72
N ARG A 88 -19.17 29.04 -5.18
CA ARG A 88 -18.56 30.13 -5.92
C ARG A 88 -17.10 30.30 -5.47
N VAL A 89 -16.16 30.07 -6.38
CA VAL A 89 -14.77 30.26 -6.07
C VAL A 89 -14.34 31.58 -6.65
N THR A 90 -13.69 32.38 -5.81
CA THR A 90 -13.39 33.76 -6.17
C THR A 90 -11.90 34.02 -6.33
N ALA A 91 -11.06 33.15 -5.76
CA ALA A 91 -9.63 33.36 -5.83
C ALA A 91 -8.91 32.07 -5.58
N VAL A 92 -7.69 31.91 -6.14
CA VAL A 92 -6.81 30.77 -5.80
C VAL A 92 -5.35 31.20 -5.49
N PHE A 93 -4.82 30.67 -4.40
CA PHE A 93 -3.42 30.88 -4.05
C PHE A 93 -2.77 29.52 -4.06
N ALA A 94 -1.50 29.46 -4.45
CA ALA A 94 -0.81 28.17 -4.48
C ALA A 94 0.61 28.29 -4.05
N SER A 95 1.11 27.22 -3.42
CA SER A 95 2.50 27.12 -3.07
C SER A 95 3.33 27.18 -4.35
N PRO A 96 4.56 27.73 -4.31
CA PRO A 96 5.30 27.74 -5.57
C PRO A 96 5.67 26.31 -6.10
N ALA A 97 5.56 25.29 -5.26
CA ALA A 97 5.98 23.96 -5.71
C ALA A 97 5.17 23.53 -6.93
N LEU A 98 5.83 22.89 -7.86
CA LEU A 98 5.15 22.56 -9.12
C LEU A 98 3.89 21.68 -8.92
N ARG A 99 3.95 20.77 -7.96
CA ARG A 99 2.85 19.89 -7.74
C ARG A 99 1.64 20.68 -7.28
N CYS A 100 1.87 21.80 -6.60
CA CYS A 100 0.78 22.63 -6.11
C CYS A 100 0.21 23.45 -7.22
N VAL A 101 1.07 24.09 -7.98
CA VAL A 101 0.59 24.94 -9.04
C VAL A 101 -0.16 24.06 -10.06
N GLN A 102 0.32 22.84 -10.30
CA GLN A 102 -0.36 21.98 -11.25
C GLN A 102 -1.73 21.63 -10.75
N THR A 103 -1.81 21.36 -9.46
CA THR A 103 -3.08 20.96 -8.85
C THR A 103 -4.08 22.10 -8.95
N ALA A 104 -3.64 23.32 -8.62
CA ALA A 104 -4.50 24.49 -8.79
C ALA A 104 -5.01 24.61 -10.25
N LYS A 105 -4.11 24.42 -11.20
CA LYS A 105 -4.47 24.56 -12.58
C LYS A 105 -5.58 23.58 -12.90
N HIS A 106 -5.40 22.29 -12.62
CA HIS A 106 -6.43 21.32 -13.01
C HIS A 106 -7.75 21.53 -12.29
N ILE A 107 -7.72 21.96 -11.03
CA ILE A 107 -8.95 22.27 -10.36
C ILE A 107 -9.69 23.35 -11.18
N LEU A 108 -9.00 24.43 -11.52
CA LEU A 108 -9.64 25.51 -12.27
C LEU A 108 -10.19 25.10 -13.61
N GLU A 109 -9.42 24.32 -14.37
CA GLU A 109 -9.89 23.80 -15.62
C GLU A 109 -11.22 23.04 -15.50
N GLU A 110 -11.42 22.32 -14.38
CA GLU A 110 -12.65 21.54 -14.23
C GLU A 110 -13.77 22.40 -13.71
N LEU A 111 -13.39 23.53 -13.13
CA LEU A 111 -14.31 24.53 -12.61
C LEU A 111 -14.72 25.46 -13.76
N LYS A 112 -13.92 25.41 -14.83
CA LYS A 112 -14.07 26.24 -16.01
C LYS A 112 -13.70 27.69 -15.70
N LEU A 113 -12.64 27.91 -14.94
CA LEU A 113 -12.26 29.26 -14.55
C LEU A 113 -10.81 29.54 -14.79
N GLU A 114 -10.10 28.61 -15.43
CA GLU A 114 -8.66 28.75 -15.74
C GLU A 114 -8.32 30.08 -16.41
N LYS A 115 -9.28 30.62 -17.16
CA LYS A 115 -9.11 31.86 -17.87
C LYS A 115 -9.59 33.00 -17.01
N LYS A 116 -10.72 32.81 -16.35
CA LYS A 116 -11.33 33.83 -15.51
C LYS A 116 -10.48 34.19 -14.26
N LEU A 117 -9.94 33.19 -13.57
CA LEU A 117 -9.13 33.45 -12.35
C LEU A 117 -7.67 33.17 -12.57
N LYS A 118 -6.81 33.96 -11.96
CA LYS A 118 -5.38 33.83 -12.17
C LYS A 118 -4.78 33.27 -10.91
N ILE A 119 -3.81 32.36 -11.05
CA ILE A 119 -3.25 31.67 -9.90
C ILE A 119 -2.25 32.59 -9.23
N ARG A 120 -2.42 32.85 -7.93
CA ARG A 120 -1.48 33.69 -7.20
C ARG A 120 -0.49 32.85 -6.43
N VAL A 121 0.76 32.85 -6.87
CA VAL A 121 1.77 31.99 -6.26
C VAL A 121 2.27 32.65 -5.00
N GLU A 122 2.23 31.96 -3.88
CA GLU A 122 2.52 32.56 -2.60
C GLU A 122 3.53 31.73 -1.85
N PRO A 123 4.83 31.98 -2.03
CA PRO A 123 5.87 31.25 -1.25
C PRO A 123 5.65 31.13 0.25
N GLY A 124 4.91 32.09 0.80
CA GLY A 124 4.55 32.03 2.21
C GLY A 124 3.81 30.78 2.61
N ILE A 125 3.21 30.05 1.66
CA ILE A 125 2.46 28.86 2.05
C ILE A 125 3.17 27.66 1.54
N PHE A 126 4.47 27.80 1.26
CA PHE A 126 5.26 26.66 0.79
C PHE A 126 5.46 25.67 1.94
N GLU A 127 5.84 24.44 1.63
CA GLU A 127 6.19 23.41 2.58
C GLU A 127 7.17 23.90 3.65
N TRP A 128 7.15 23.30 4.84
CA TRP A 128 8.11 23.65 5.89
C TRP A 128 9.49 23.30 5.38
N MET A 129 10.36 24.29 5.34
CA MET A 129 11.70 24.10 4.77
C MET A 129 12.49 22.95 5.35
N LYS A 130 12.19 22.58 6.58
CA LYS A 130 12.84 21.46 7.24
C LYS A 130 12.74 20.19 6.39
N TRP A 131 11.62 20.04 5.70
CA TRP A 131 11.36 18.85 4.96
C TRP A 131 11.68 19.06 3.51
N GLU A 132 12.52 20.02 3.19
CA GLU A 132 12.81 20.20 1.79
C GLU A 132 14.29 20.22 1.54
N ALA A 133 14.72 19.36 0.66
CA ALA A 133 16.13 19.18 0.44
C ALA A 133 16.70 20.36 -0.37
N SER A 134 16.43 21.59 0.11
CA SER A 134 17.18 22.79 -0.34
C SER A 134 18.61 22.71 0.17
N LYS A 135 19.00 21.48 0.50
CA LYS A 135 20.38 21.04 0.61
C LYS A 135 20.91 20.94 -0.82
N ALA A 136 20.00 20.68 -1.76
CA ALA A 136 20.29 20.78 -3.21
C ALA A 136 20.05 22.20 -3.77
N THR A 137 19.22 22.96 -3.03
CA THR A 137 18.76 24.31 -3.39
C THR A 137 17.51 24.22 -4.27
N LEU A 138 16.41 24.68 -3.68
CA LEU A 138 15.14 24.83 -4.34
C LEU A 138 15.22 25.94 -5.33
N THR A 139 14.51 25.78 -6.43
CA THR A 139 14.51 26.79 -7.45
C THR A 139 13.09 27.19 -7.76
N PHE A 140 12.25 26.19 -8.03
CA PHE A 140 10.92 26.40 -8.55
C PHE A 140 11.02 26.84 -9.96
N LEU A 141 9.86 27.03 -10.54
CA LEU A 141 9.70 27.65 -11.78
C LEU A 141 9.44 29.12 -11.52
N THR A 142 9.78 29.97 -12.47
CA THR A 142 9.48 31.39 -12.36
C THR A 142 8.11 31.63 -12.96
N LEU A 143 7.52 32.76 -12.61
CA LEU A 143 6.21 33.07 -13.10
C LEU A 143 6.25 32.99 -14.62
N GLU A 144 7.29 33.58 -15.19
CA GLU A 144 7.48 33.61 -16.64
C GLU A 144 7.40 32.20 -17.23
N GLU A 145 8.19 31.29 -16.66
CA GLU A 145 8.23 29.88 -17.07
C GLU A 145 6.87 29.21 -16.93
N LEU A 146 6.15 29.52 -15.85
CA LEU A 146 4.79 29.04 -15.67
C LEU A 146 3.85 29.58 -16.74
N LYS A 147 3.90 30.91 -16.93
CA LYS A 147 3.12 31.58 -17.97
C LYS A 147 3.37 30.91 -19.32
N GLU A 148 4.64 30.64 -19.59
CA GLU A 148 5.05 29.95 -20.81
C GLU A 148 4.60 28.51 -20.84
N ALA A 149 4.61 27.84 -19.68
CA ALA A 149 4.10 26.46 -19.60
C ALA A 149 2.57 26.43 -19.54
N ASN A 150 1.97 27.61 -19.64
CA ASN A 150 0.54 27.76 -19.81
C ASN A 150 -0.24 27.66 -18.48
N PHE A 151 0.32 28.25 -17.44
CA PHE A 151 -0.41 28.39 -16.19
C PHE A 151 -0.79 29.85 -16.05
N ASN A 152 -2.09 30.16 -16.06
CA ASN A 152 -2.51 31.53 -16.00
C ASN A 152 -2.18 32.16 -14.63
N VAL A 153 -0.90 32.41 -14.40
CA VAL A 153 -0.45 32.98 -13.15
C VAL A 153 -0.62 34.48 -13.07
N ASP A 154 -0.78 35.01 -11.87
CA ASP A 154 -0.87 36.44 -11.64
C ASP A 154 0.54 37.04 -11.59
N LEU A 155 0.92 37.77 -12.64
CA LEU A 155 2.27 38.34 -12.76
C LEU A 155 2.47 39.55 -11.87
N ASP A 156 1.35 40.09 -11.40
CA ASP A 156 1.34 41.28 -10.58
C ASP A 156 1.29 41.02 -9.08
N TYR A 157 0.82 39.84 -8.68
CA TYR A 157 0.65 39.52 -7.25
C TYR A 157 1.94 39.69 -6.45
N ARG A 158 1.89 40.51 -5.40
CA ARG A 158 3.04 40.69 -4.53
C ARG A 158 2.96 39.72 -3.35
N PRO A 159 3.83 38.70 -3.34
CA PRO A 159 3.75 37.69 -2.29
C PRO A 159 4.04 38.27 -0.92
N ALA A 160 3.35 37.72 0.09
CA ALA A 160 3.62 38.05 1.50
C ALA A 160 5.00 37.59 1.92
N LEU A 161 5.57 36.70 1.14
CA LEU A 161 6.93 36.24 1.32
C LEU A 161 7.46 35.82 -0.04
N PRO A 162 8.40 36.60 -0.61
CA PRO A 162 9.05 36.26 -1.88
C PRO A 162 9.91 35.03 -1.73
N ARG A 163 10.06 34.31 -2.84
CA ARG A 163 10.79 33.04 -2.88
C ARG A 163 12.17 33.02 -2.19
N CYS A 164 13.01 34.00 -2.47
CA CYS A 164 14.35 34.03 -1.90
C CYS A 164 14.38 34.35 -0.39
N SER A 165 13.23 34.75 0.16
CA SER A 165 13.12 35.00 1.61
C SER A 165 12.90 33.73 2.44
N LEU A 166 12.63 32.61 1.76
CA LEU A 166 12.50 31.32 2.43
C LEU A 166 13.83 30.84 2.96
N MET A 167 13.91 30.66 4.26
CA MET A 167 15.15 30.28 4.90
C MET A 167 15.30 28.77 5.04
N PRO A 168 16.27 28.18 4.33
CA PRO A 168 16.45 26.72 4.27
C PRO A 168 16.81 26.08 5.60
N ALA A 169 16.51 26.77 6.70
CA ALA A 169 16.81 26.26 8.01
C ALA A 169 15.81 26.79 9.03
N GLU A 170 14.63 27.21 8.56
CA GLU A 170 13.58 27.69 9.43
C GLU A 170 13.18 26.67 10.48
N SER A 171 12.85 27.17 11.66
CA SER A 171 12.43 26.30 12.73
C SER A 171 10.94 26.05 12.59
N TYR A 172 10.42 25.08 13.34
CA TYR A 172 9.00 24.87 13.37
C TYR A 172 8.24 26.16 13.71
N ASP A 173 8.74 26.90 14.69
CA ASP A 173 8.09 28.15 15.13
C ASP A 173 8.12 29.25 14.09
N GLN A 174 9.19 29.28 13.31
CA GLN A 174 9.31 30.25 12.26
C GLN A 174 8.37 29.89 11.12
N TYR A 175 8.28 28.58 10.85
CA TYR A 175 7.40 28.06 9.82
C TYR A 175 5.97 28.47 10.10
N VAL A 176 5.48 28.14 11.28
CA VAL A 176 4.10 28.47 11.64
C VAL A 176 3.80 29.98 11.67
N GLU A 177 4.77 30.77 12.06
CA GLU A 177 4.62 32.21 12.06
C GLU A 177 4.52 32.74 10.64
N ARG A 178 5.42 32.30 9.75
CA ARG A 178 5.39 32.74 8.35
C ARG A 178 4.06 32.31 7.68
N CYS A 179 3.59 31.13 7.99
CA CYS A 179 2.26 30.73 7.56
C CYS A 179 1.16 31.67 8.10
N ALA A 180 1.18 31.95 9.41
CA ALA A 180 0.22 32.91 9.98
C ALA A 180 0.34 34.29 9.28
N VAL A 181 1.57 34.74 9.07
CA VAL A 181 1.76 36.05 8.45
C VAL A 181 1.20 36.03 7.03
N SER A 182 1.43 34.93 6.30
CA SER A 182 0.93 34.83 4.94
C SER A 182 -0.60 34.76 4.90
N MET A 183 -1.20 33.95 5.76
CA MET A 183 -2.61 33.85 5.78
C MET A 183 -3.20 35.22 6.07
N GLY A 184 -2.55 35.93 7.01
CA GLY A 184 -2.89 37.30 7.31
C GLY A 184 -3.09 38.13 6.05
N GLN A 185 -2.05 38.26 5.25
CA GLN A 185 -2.12 39.09 4.06
C GLN A 185 -3.18 38.59 3.07
N ILE A 186 -3.30 37.26 2.94
CA ILE A 186 -4.28 36.67 2.03
C ILE A 186 -5.69 37.08 2.44
N ILE A 187 -6.02 36.87 3.71
CA ILE A 187 -7.31 37.23 4.24
C ILE A 187 -7.63 38.73 4.09
N ASN A 188 -6.60 39.58 4.02
CA ASN A 188 -6.79 41.02 3.77
C ASN A 188 -6.64 41.45 2.31
N THR A 189 -6.30 40.52 1.43
CA THR A 189 -6.33 40.76 0.00
C THR A 189 -7.81 40.80 -0.41
N CYS A 190 -8.35 42.03 -0.44
CA CYS A 190 -9.78 42.33 -0.66
C CYS A 190 -10.75 41.45 0.16
N PRO A 191 -10.86 41.73 1.46
CA PRO A 191 -11.75 40.99 2.33
C PRO A 191 -13.20 41.46 2.18
N GLN A 192 -13.89 41.01 1.14
CA GLN A 192 -15.23 41.51 0.88
C GLN A 192 -16.08 40.45 0.20
N ASP A 193 -15.60 40.00 -0.96
CA ASP A 193 -16.28 38.97 -1.77
C ASP A 193 -16.77 37.84 -0.89
N MET A 194 -18.01 37.42 -1.14
CA MET A 194 -18.63 36.41 -0.32
C MET A 194 -18.37 35.01 -0.86
N GLY A 195 -17.19 34.80 -1.42
CA GLY A 195 -16.90 33.52 -2.03
C GLY A 195 -15.83 32.73 -1.31
N ILE A 196 -15.47 31.61 -1.93
CA ILE A 196 -14.46 30.71 -1.42
C ILE A 196 -13.14 30.97 -2.10
N THR A 197 -12.08 31.00 -1.29
CA THR A 197 -10.71 31.15 -1.77
C THR A 197 -10.00 29.83 -1.56
N LEU A 198 -9.33 29.36 -2.61
CA LEU A 198 -8.60 28.11 -2.54
C LEU A 198 -7.18 28.37 -2.15
N ILE A 199 -6.65 27.57 -1.24
CA ILE A 199 -5.22 27.60 -0.88
C ILE A 199 -4.58 26.25 -1.18
N VAL A 200 -3.95 26.11 -2.33
CA VAL A 200 -3.55 24.81 -2.80
C VAL A 200 -2.16 24.67 -2.31
N SER A 201 -1.94 23.78 -1.34
CA SER A 201 -0.64 23.76 -0.68
C SER A 201 -0.21 22.34 -0.29
N HIS A 202 0.48 22.17 0.84
CA HIS A 202 0.96 20.85 1.30
C HIS A 202 0.18 20.34 2.49
N SER A 203 0.33 19.07 2.80
CA SER A 203 -0.24 18.47 4.02
C SER A 203 -0.18 19.36 5.21
N SER A 204 1.01 19.78 5.59
CA SER A 204 1.23 20.69 6.71
C SER A 204 0.35 21.93 6.70
N ALA A 205 -0.04 22.40 5.54
CA ALA A 205 -0.83 23.63 5.46
C ALA A 205 -2.25 23.44 5.97
N LEU A 206 -2.78 22.24 5.89
CA LEU A 206 -4.11 22.02 6.43
C LEU A 206 -4.20 22.33 7.91
N ASP A 207 -3.07 22.30 8.61
CA ASP A 207 -3.03 22.67 10.02
C ASP A 207 -2.50 24.10 10.19
N SER A 208 -1.31 24.34 9.63
CA SER A 208 -0.57 25.62 9.74
C SER A 208 -1.23 26.83 9.06
N CYS A 209 -2.21 26.61 8.21
CA CYS A 209 -2.89 27.73 7.57
C CYS A 209 -4.33 27.89 8.05
N THR A 210 -4.81 27.02 8.93
CA THR A 210 -6.15 27.20 9.40
C THR A 210 -6.14 27.58 10.89
N ARG A 211 -5.22 26.99 11.66
CA ARG A 211 -5.11 27.34 13.07
C ARG A 211 -5.10 28.86 13.30
N PRO A 212 -4.21 29.61 12.61
CA PRO A 212 -4.21 31.05 12.84
C PRO A 212 -5.60 31.70 12.66
N LEU A 213 -6.29 31.35 11.58
CA LEU A 213 -7.64 31.85 11.33
C LEU A 213 -8.57 31.53 12.44
N LEU A 214 -8.45 30.33 13.00
CA LEU A 214 -9.29 29.86 14.09
C LEU A 214 -8.89 30.48 15.43
N GLY A 215 -7.87 31.33 15.46
CA GLY A 215 -7.34 31.88 16.71
C GLY A 215 -6.77 30.83 17.65
N LEU A 216 -6.34 29.68 17.13
CA LEU A 216 -5.69 28.64 17.92
C LEU A 216 -4.17 28.79 17.94
N PRO A 217 -3.52 28.39 19.04
CA PRO A 217 -2.07 28.40 19.07
C PRO A 217 -1.52 27.20 18.25
N PRO A 218 -0.30 27.31 17.70
CA PRO A 218 0.32 26.20 16.96
C PRO A 218 0.31 24.89 17.75
N ARG A 219 0.09 23.77 17.07
CA ARG A 219 0.15 22.48 17.72
C ARG A 219 1.56 22.27 18.19
N GLU A 220 1.73 21.40 19.18
CA GLU A 220 3.04 20.94 19.58
C GLU A 220 3.66 20.28 18.34
N CYS A 221 4.93 20.57 18.07
CA CYS A 221 5.62 20.05 16.88
C CYS A 221 5.45 18.54 16.58
N GLY A 222 5.63 17.68 17.58
CA GLY A 222 5.40 16.25 17.44
C GLY A 222 3.96 15.91 17.09
N ASP A 223 3.03 16.50 17.84
CA ASP A 223 1.61 16.40 17.55
C ASP A 223 1.28 16.79 16.08
N PHE A 224 1.94 17.84 15.58
CA PHE A 224 1.73 18.37 14.25
C PHE A 224 2.20 17.46 13.13
N ALA A 225 3.40 16.88 13.29
CA ALA A 225 3.99 16.03 12.27
C ALA A 225 3.20 14.74 12.12
N GLN A 226 2.73 14.27 13.26
CA GLN A 226 1.93 13.06 13.44
C GLN A 226 0.60 13.16 12.73
N LEU A 227 0.01 14.36 12.76
CA LEU A 227 -1.27 14.60 12.10
C LEU A 227 -1.14 14.85 10.59
N VAL A 228 -0.07 15.49 10.15
CA VAL A 228 0.04 15.84 8.74
C VAL A 228 0.48 14.70 7.78
N ARG A 229 1.00 13.61 8.32
CA ARG A 229 1.29 12.46 7.44
C ARG A 229 0.01 11.71 7.04
N LYS A 230 -1.04 11.90 7.82
CA LYS A 230 -2.32 11.22 7.61
C LYS A 230 -3.18 11.91 6.54
N ILE A 231 -2.68 13.00 5.96
CA ILE A 231 -3.48 13.71 4.95
C ILE A 231 -3.24 13.14 3.55
N PRO A 232 -4.32 12.75 2.88
CA PRO A 232 -4.24 12.20 1.54
C PRO A 232 -4.27 13.27 0.47
N SER A 233 -4.02 12.87 -0.78
CA SER A 233 -4.04 13.78 -1.90
C SER A 233 -5.40 14.43 -2.05
N LEU A 234 -5.43 15.73 -2.34
CA LEU A 234 -6.66 16.47 -2.45
C LEU A 234 -7.40 16.50 -1.12
N GLY A 235 -6.73 16.12 -0.03
CA GLY A 235 -7.31 16.29 1.32
C GLY A 235 -7.57 17.76 1.61
N MET A 236 -8.73 18.04 2.18
CA MET A 236 -9.20 19.42 2.40
C MET A 236 -9.59 19.77 3.81
N CYS A 237 -9.48 21.06 4.10
CA CYS A 237 -9.82 21.59 5.38
C CYS A 237 -10.50 22.95 5.09
N PHE A 238 -11.74 23.10 5.53
CA PHE A 238 -12.54 24.27 5.19
C PHE A 238 -12.83 25.24 6.36
N CYS A 239 -12.55 26.52 6.16
CA CYS A 239 -12.90 27.51 7.19
C CYS A 239 -13.88 28.55 6.71
N GLU A 240 -14.87 28.88 7.53
CA GLU A 240 -15.79 30.00 7.23
C GLU A 240 -15.69 31.14 8.21
N GLU A 241 -15.91 32.35 7.69
CA GLU A 241 -15.92 33.57 8.50
C GLU A 241 -17.34 33.95 8.92
N ASN A 242 -17.54 34.11 10.22
CA ASN A 242 -18.80 34.65 10.75
C ASN A 242 -19.01 36.15 10.50
N ARG A 243 -20.20 36.47 10.01
CA ARG A 243 -20.63 37.83 9.67
C ARG A 243 -20.33 38.85 10.75
N GLU A 244 -21.01 38.67 11.88
CA GLU A 244 -20.81 39.52 13.03
C GLU A 244 -19.45 39.19 13.62
N ASP A 245 -19.40 38.21 14.52
CA ASP A 245 -18.18 37.86 15.24
C ASP A 245 -16.92 38.30 14.55
N GLY A 246 -16.73 37.85 13.31
CA GLY A 246 -15.48 38.05 12.59
C GLY A 246 -14.52 36.92 12.93
N LYS A 247 -15.03 35.94 13.68
CA LYS A 247 -14.28 34.75 14.01
C LYS A 247 -14.39 33.76 12.86
N TRP A 248 -13.43 32.84 12.78
CA TRP A 248 -13.48 31.80 11.76
C TRP A 248 -13.88 30.46 12.34
N ASP A 249 -14.71 29.73 11.61
CA ASP A 249 -15.17 28.42 12.07
C ASP A 249 -14.74 27.30 11.13
N LEU A 250 -14.26 26.23 11.73
CA LEU A 250 -13.89 25.04 11.01
C LEU A 250 -15.14 24.25 10.62
N VAL A 251 -15.39 24.06 9.32
CA VAL A 251 -16.59 23.36 8.89
C VAL A 251 -16.34 22.32 7.81
N ASN A 252 -17.36 21.54 7.51
CA ASN A 252 -17.29 20.50 6.47
C ASN A 252 -16.92 21.06 5.11
N PRO A 253 -15.96 20.40 4.42
CA PRO A 253 -15.58 20.85 3.10
C PRO A 253 -16.74 20.64 2.17
N PRO A 254 -16.84 21.52 1.17
CA PRO A 254 -17.98 21.50 0.22
C PRO A 254 -18.01 20.32 -0.78
N VAL A 255 -16.93 19.52 -0.82
CA VAL A 255 -16.93 18.30 -1.61
C VAL A 255 -16.54 17.10 -0.77
N LYS A 256 -17.08 15.94 -1.15
CA LYS A 256 -16.77 14.68 -0.47
C LYS A 256 -15.28 14.33 -0.53
N THR A 257 -14.85 13.39 0.29
CA THR A 257 -13.52 12.82 0.22
C THR A 257 -13.32 11.87 -1.01
N LEU A 258 -12.07 11.54 -1.33
CA LEU A 258 -11.79 10.69 -2.47
C LEU A 258 -10.94 9.49 -2.05
N THR A 259 -11.56 8.32 -2.03
CA THR A 259 -10.93 7.11 -1.60
C THR A 259 -10.79 6.19 -2.77
N HIS A 260 -9.60 5.64 -3.01
CA HIS A 260 -9.43 4.61 -4.08
C HIS A 260 -8.20 3.77 -3.79
N GLY A 261 -8.09 2.60 -4.42
CA GLY A 261 -6.98 1.64 -4.22
C GLY A 261 -5.75 1.93 -5.08
N ALA A 262 -4.67 1.21 -4.80
CA ALA A 262 -3.46 1.36 -5.55
C ALA A 262 -3.57 0.50 -6.79
N ASN A 263 -2.51 0.51 -7.57
CA ASN A 263 -2.42 -0.32 -8.71
C ASN A 263 -0.97 -0.74 -8.83
N SER A 264 -0.70 -2.02 -8.56
CA SER A 264 0.70 -2.45 -8.37
C SER A 264 1.31 -2.82 -9.70
N VAL A 265 2.63 -2.77 -9.77
CA VAL A 265 3.34 -3.03 -11.03
C VAL A 265 3.07 -4.45 -11.48
N PHE A 266 2.89 -4.61 -12.79
CA PHE A 266 2.60 -5.90 -13.38
C PHE A 266 3.52 -6.18 -14.58
N ASN A 267 3.69 -7.46 -14.93
CA ASN A 267 4.43 -7.90 -16.10
C ASN A 267 4.05 -9.39 -16.33
N TRP A 268 3.13 -9.68 -17.25
CA TRP A 268 2.55 -11.06 -17.32
C TRP A 268 3.55 -12.15 -17.70
N ARG A 269 4.16 -12.01 -18.88
CA ARG A 269 5.12 -12.99 -19.39
C ARG A 269 6.08 -13.45 -18.29
N ASN A 270 6.51 -12.50 -17.46
CA ASN A 270 7.41 -12.80 -16.34
C ASN A 270 6.74 -13.53 -15.17
N TRP A 271 5.71 -12.92 -14.59
CA TRP A 271 5.06 -13.50 -13.39
C TRP A 271 4.43 -14.88 -13.66
N ILE A 272 4.43 -15.31 -14.93
CA ILE A 272 4.01 -16.66 -15.33
C ILE A 272 5.11 -17.70 -15.14
N SER A 273 6.36 -17.22 -15.07
CA SER A 273 7.52 -18.10 -14.93
C SER A 273 8.74 -17.61 -15.70
N ARG B 9 -9.24 0.67 37.98
CA ARG B 9 -10.54 0.19 37.44
C ARG B 9 -10.43 -1.17 36.76
N ARG B 10 -11.59 -1.78 36.48
CA ARG B 10 -11.68 -3.04 35.75
C ARG B 10 -11.88 -2.75 34.26
N GLY B 11 -11.10 -3.40 33.41
CA GLY B 11 -11.17 -3.17 31.96
C GLY B 11 -11.27 -4.39 31.04
N ILE B 12 -11.87 -4.17 29.88
CA ILE B 12 -11.95 -5.17 28.81
C ILE B 12 -11.15 -4.66 27.59
N LEU B 13 -10.16 -5.44 27.18
CA LEU B 13 -9.41 -5.10 25.97
C LEU B 13 -9.72 -6.09 24.85
N VAL B 14 -10.41 -5.63 23.81
CA VAL B 14 -10.72 -6.47 22.66
C VAL B 14 -9.58 -6.29 21.66
N ILE B 15 -9.03 -7.40 21.18
CA ILE B 15 -7.84 -7.38 20.32
C ILE B 15 -8.00 -8.22 19.07
N ARG B 16 -7.76 -7.65 17.92
CA ARG B 16 -7.85 -8.42 16.69
C ARG B 16 -6.63 -9.35 16.49
N HIS B 17 -6.83 -10.56 15.96
CA HIS B 17 -5.74 -11.51 15.70
C HIS B 17 -4.71 -10.90 14.74
N GLY B 18 -3.49 -11.48 14.70
CA GLY B 18 -2.45 -11.01 13.76
C GLY B 18 -2.75 -11.41 12.34
N GLU B 19 -1.91 -10.97 11.41
CA GLU B 19 -1.95 -11.40 10.01
C GLU B 19 -2.05 -12.92 9.81
N ARG B 20 -3.00 -13.34 8.99
CA ARG B 20 -3.20 -14.78 8.73
C ARG B 20 -2.57 -15.12 7.39
N VAL B 21 -2.03 -16.32 7.21
CA VAL B 21 -1.36 -16.64 5.94
C VAL B 21 -2.16 -16.42 4.68
N ASP B 22 -3.44 -16.78 4.73
CA ASP B 22 -4.31 -16.64 3.57
C ASP B 22 -4.61 -15.17 3.15
N GLN B 23 -4.49 -14.23 4.08
CA GLN B 23 -4.57 -12.82 3.79
C GLN B 23 -3.45 -12.46 2.78
N VAL B 24 -2.38 -13.22 2.81
CA VAL B 24 -1.22 -12.87 1.99
C VAL B 24 -1.15 -13.73 0.74
N PHE B 25 -1.31 -15.02 0.91
CA PHE B 25 -1.08 -15.95 -0.20
C PHE B 25 -2.37 -16.47 -0.87
N GLY B 26 -3.53 -16.13 -0.31
CA GLY B 26 -4.81 -16.43 -0.94
C GLY B 26 -5.36 -17.77 -0.52
N LYS B 27 -6.56 -18.09 -1.00
CA LYS B 27 -7.23 -19.37 -0.70
C LYS B 27 -6.39 -20.60 -1.09
N SER B 28 -5.60 -20.44 -2.15
CA SER B 28 -4.69 -21.47 -2.63
C SER B 28 -3.49 -21.74 -1.72
N TRP B 29 -3.33 -20.94 -0.65
CA TRP B 29 -2.16 -21.02 0.22
C TRP B 29 -1.79 -22.45 0.62
N LEU B 30 -2.80 -23.23 1.01
CA LEU B 30 -2.60 -24.59 1.49
C LEU B 30 -1.97 -25.45 0.41
N GLN B 31 -2.34 -25.23 -0.85
CA GLN B 31 -1.77 -25.95 -1.96
C GLN B 31 -0.31 -25.55 -2.24
N GLN B 32 -0.01 -24.27 -2.01
CA GLN B 32 1.35 -23.76 -2.21
C GLN B 32 2.40 -24.31 -1.24
N CYS B 33 1.96 -24.85 -0.11
CA CYS B 33 2.88 -25.25 0.95
C CYS B 33 2.79 -26.74 1.27
N THR B 34 2.02 -27.46 0.45
CA THR B 34 1.91 -28.90 0.57
C THR B 34 2.72 -29.53 -0.55
N THR B 35 3.59 -30.49 -0.19
CA THR B 35 4.37 -31.27 -1.19
C THR B 35 3.45 -32.17 -2.00
N ALA B 36 3.95 -32.62 -3.17
CA ALA B 36 3.25 -33.61 -3.99
C ALA B 36 2.97 -34.85 -3.15
N ASP B 37 4.01 -35.26 -2.43
CA ASP B 37 3.98 -36.17 -1.27
C ASP B 37 2.72 -36.02 -0.34
N GLY B 38 2.55 -34.84 0.26
CA GLY B 38 1.41 -34.60 1.16
C GLY B 38 1.84 -33.95 2.46
N LYS B 39 3.08 -33.43 2.47
CA LYS B 39 3.68 -32.78 3.64
C LYS B 39 3.78 -31.27 3.50
N TYR B 40 4.01 -30.60 4.63
CA TYR B 40 4.12 -29.16 4.67
C TYR B 40 5.56 -28.71 4.48
N TYR B 41 5.74 -27.61 3.74
CA TYR B 41 7.05 -26.94 3.61
C TYR B 41 6.84 -25.41 3.50
N ARG B 42 7.91 -24.62 3.65
CA ARG B 42 7.73 -23.18 3.59
C ARG B 42 8.16 -22.69 2.25
N PRO B 43 7.23 -22.39 1.34
CA PRO B 43 7.66 -21.83 0.07
C PRO B 43 8.10 -20.36 0.16
N ASP B 44 7.89 -19.73 1.32
CA ASP B 44 8.19 -18.33 1.56
C ASP B 44 8.34 -18.23 3.04
N LEU B 45 9.18 -17.33 3.49
CA LEU B 45 9.48 -17.23 4.92
C LEU B 45 8.32 -16.73 5.72
N ASN B 46 7.34 -16.12 5.07
CA ASN B 46 6.17 -15.70 5.81
C ASN B 46 5.26 -16.83 6.31
N PHE B 47 5.30 -17.97 5.63
CA PHE B 47 4.69 -19.19 6.15
C PHE B 47 5.37 -19.53 7.45
N PRO B 48 4.59 -20.00 8.43
CA PRO B 48 5.17 -20.33 9.73
C PRO B 48 6.17 -21.49 9.68
N ARG B 49 7.04 -21.58 10.71
CA ARG B 49 8.03 -22.67 10.85
C ARG B 49 7.33 -24.02 10.71
N SER B 50 6.21 -24.17 11.40
CA SER B 50 5.47 -25.44 11.34
C SER B 50 3.99 -25.25 11.65
N LEU B 51 3.20 -26.24 11.27
CA LEU B 51 1.80 -26.29 11.60
C LEU B 51 1.59 -27.17 12.83
N PRO B 52 0.58 -26.87 13.66
CA PRO B 52 0.31 -27.71 14.82
C PRO B 52 -0.30 -29.05 14.42
N ARG B 53 -0.21 -30.04 15.31
CA ARG B 53 -0.76 -31.38 15.07
C ARG B 53 -2.29 -31.34 14.97
N ARG B 54 -2.83 -31.85 13.87
CA ARG B 54 -4.27 -31.70 13.59
C ARG B 54 -4.95 -32.96 13.08
N SER B 55 -6.15 -33.22 13.59
CA SER B 55 -7.04 -34.29 13.07
C SER B 55 -7.31 -34.04 11.59
N ASN B 56 -7.48 -35.11 10.82
CA ASN B 56 -7.66 -35.02 9.36
C ASN B 56 -6.38 -34.59 8.66
N GLY B 57 -5.29 -34.59 9.41
CA GLY B 57 -3.97 -34.21 8.91
C GLY B 57 -3.80 -32.71 8.72
N ILE B 58 -4.07 -32.26 7.50
CA ILE B 58 -3.63 -30.96 7.05
C ILE B 58 -4.81 -30.22 6.42
N LYS B 59 -5.68 -30.99 5.79
CA LYS B 59 -6.75 -30.44 4.97
C LYS B 59 -7.63 -29.42 5.71
N ASP B 60 -7.61 -29.48 7.05
CA ASP B 60 -8.52 -28.64 7.85
C ASP B 60 -8.08 -27.19 8.01
N PHE B 61 -6.79 -26.92 7.77
CA PHE B 61 -6.25 -25.56 7.92
C PHE B 61 -6.86 -24.63 6.89
N GLU B 62 -7.37 -25.20 5.81
CA GLU B 62 -7.93 -24.42 4.74
C GLU B 62 -8.96 -23.44 5.27
N ASN B 63 -9.86 -23.92 6.11
CA ASN B 63 -10.91 -23.09 6.63
C ASN B 63 -10.57 -22.45 7.97
N ASP B 64 -9.46 -22.89 8.57
CA ASP B 64 -9.02 -22.37 9.86
C ASP B 64 -7.51 -22.14 9.78
N PRO B 65 -7.09 -21.07 9.10
CA PRO B 65 -5.67 -20.85 8.83
C PRO B 65 -4.87 -20.31 10.04
N PRO B 66 -3.53 -20.51 10.03
CA PRO B 66 -2.63 -20.01 11.07
C PRO B 66 -2.08 -18.59 10.83
N LEU B 67 -1.47 -18.05 11.88
CA LEU B 67 -0.79 -16.78 11.77
C LEU B 67 0.36 -16.96 10.81
N SER B 68 0.68 -15.92 10.06
CA SER B 68 1.89 -15.88 9.26
C SER B 68 3.01 -15.56 10.22
N SER B 69 4.24 -15.58 9.72
CA SER B 69 5.36 -15.19 10.54
C SER B 69 5.14 -13.77 11.00
N CYS B 70 4.84 -12.89 10.06
CA CYS B 70 4.45 -11.51 10.38
C CYS B 70 3.34 -11.41 11.47
N GLY B 71 2.24 -12.15 11.27
CA GLY B 71 1.22 -12.30 12.31
C GLY B 71 1.87 -12.50 13.68
N ILE B 72 2.79 -13.46 13.78
CA ILE B 72 3.40 -13.78 15.07
C ILE B 72 4.22 -12.60 15.58
N PHE B 73 5.00 -11.99 14.66
CA PHE B 73 5.75 -10.79 15.00
C PHE B 73 4.81 -9.75 15.64
N GLN B 74 3.73 -9.45 14.94
CA GLN B 74 2.70 -8.53 15.45
C GLN B 74 2.20 -8.95 16.88
N ALA B 75 1.87 -10.22 17.05
CA ALA B 75 1.26 -10.57 18.30
C ALA B 75 2.28 -10.29 19.41
N ARG B 76 3.53 -10.66 19.14
CA ARG B 76 4.62 -10.59 20.14
C ARG B 76 4.89 -9.14 20.46
N LEU B 77 4.94 -8.30 19.43
CA LEU B 77 5.24 -6.89 19.63
C LEU B 77 4.22 -6.21 20.59
N ALA B 78 2.93 -6.43 20.35
CA ALA B 78 1.86 -6.03 21.23
C ALA B 78 2.03 -6.65 22.65
N GLY B 79 2.28 -7.94 22.74
CA GLY B 79 2.44 -8.54 24.05
C GLY B 79 3.49 -7.76 24.80
N GLU B 80 4.66 -7.67 24.20
CA GLU B 80 5.77 -6.95 24.78
C GLU B 80 5.36 -5.54 25.22
N ALA B 81 4.49 -4.89 24.46
CA ALA B 81 4.14 -3.51 24.75
C ALA B 81 3.22 -3.47 25.97
N LEU B 82 2.38 -4.49 26.11
CA LEU B 82 1.54 -4.64 27.28
C LEU B 82 2.40 -4.87 28.51
N LEU B 83 3.39 -5.76 28.41
CA LEU B 83 4.35 -5.90 29.50
C LEU B 83 4.94 -4.53 29.88
N ASP B 84 5.48 -3.81 28.90
CA ASP B 84 6.10 -2.50 29.14
C ASP B 84 5.14 -1.49 29.72
N SER B 85 3.87 -1.57 29.36
CA SER B 85 2.89 -0.58 29.84
C SER B 85 2.67 -0.67 31.34
N GLY B 86 3.04 -1.80 31.94
CA GLY B 86 2.89 -2.00 33.37
C GLY B 86 1.53 -2.51 33.77
N VAL B 87 0.59 -2.54 32.84
CA VAL B 87 -0.77 -2.98 33.17
C VAL B 87 -0.81 -4.43 33.67
N ARG B 88 -1.90 -4.75 34.36
CA ARG B 88 -2.08 -6.05 34.99
C ARG B 88 -3.15 -6.80 34.22
N VAL B 89 -2.76 -7.91 33.59
CA VAL B 89 -3.74 -8.73 32.88
C VAL B 89 -4.11 -9.90 33.74
N THR B 90 -5.42 -10.11 33.90
CA THR B 90 -5.92 -11.09 34.86
C THR B 90 -6.57 -12.30 34.20
N ALA B 91 -6.96 -12.18 32.93
CA ALA B 91 -7.65 -13.26 32.23
C ALA B 91 -7.52 -13.05 30.74
N VAL B 92 -7.64 -14.15 29.98
CA VAL B 92 -7.72 -14.07 28.52
C VAL B 92 -8.75 -15.03 27.96
N PHE B 93 -9.62 -14.52 27.08
CA PHE B 93 -10.54 -15.35 26.36
C PHE B 93 -10.20 -15.21 24.90
N ALA B 94 -10.50 -16.22 24.11
CA ALA B 94 -10.14 -16.23 22.72
C ALA B 94 -11.16 -16.97 21.88
N SER B 95 -11.32 -16.50 20.64
CA SER B 95 -12.18 -17.16 19.69
C SER B 95 -11.57 -18.53 19.43
N PRO B 96 -12.39 -19.55 19.11
CA PRO B 96 -11.78 -20.84 18.81
C PRO B 96 -10.89 -20.87 17.55
N ALA B 97 -10.92 -19.82 16.71
CA ALA B 97 -10.16 -19.83 15.48
C ALA B 97 -8.69 -19.92 15.83
N LEU B 98 -7.95 -20.73 15.08
CA LEU B 98 -6.56 -20.90 15.40
C LEU B 98 -5.77 -19.56 15.38
N ARG B 99 -6.09 -18.68 14.43
CA ARG B 99 -5.38 -17.45 14.39
C ARG B 99 -5.58 -16.70 15.71
N CYS B 100 -6.74 -16.84 16.33
CA CYS B 100 -6.99 -16.10 17.55
C CYS B 100 -6.22 -16.73 18.72
N VAL B 101 -6.36 -18.04 18.84
CA VAL B 101 -5.74 -18.75 19.93
C VAL B 101 -4.23 -18.53 19.84
N GLN B 102 -3.69 -18.56 18.62
CA GLN B 102 -2.25 -18.38 18.46
C GLN B 102 -1.86 -16.98 18.95
N THR B 103 -2.64 -15.97 18.54
CA THR B 103 -2.33 -14.62 18.92
C THR B 103 -2.35 -14.50 20.45
N ALA B 104 -3.40 -15.02 21.10
CA ALA B 104 -3.50 -15.05 22.57
C ALA B 104 -2.26 -15.64 23.19
N LYS B 105 -1.80 -16.76 22.65
CA LYS B 105 -0.58 -17.41 23.14
C LYS B 105 0.65 -16.46 23.12
N HIS B 106 0.98 -15.92 21.94
CA HIS B 106 2.17 -15.10 21.79
C HIS B 106 2.09 -13.84 22.63
N ILE B 107 0.91 -13.23 22.73
CA ILE B 107 0.73 -12.11 23.65
C ILE B 107 1.17 -12.54 25.06
N LEU B 108 0.64 -13.67 25.58
CA LEU B 108 0.98 -14.17 26.93
C LEU B 108 2.45 -14.47 27.08
N GLU B 109 3.06 -15.09 26.07
CA GLU B 109 4.49 -15.40 26.15
C GLU B 109 5.35 -14.15 26.36
N GLU B 110 4.98 -13.06 25.67
CA GLU B 110 5.70 -11.80 25.82
C GLU B 110 5.40 -11.09 27.14
N LEU B 111 4.24 -11.40 27.71
CA LEU B 111 3.78 -10.86 28.96
C LEU B 111 4.35 -11.69 30.10
N LYS B 112 4.89 -12.87 29.75
CA LYS B 112 5.44 -13.84 30.71
C LYS B 112 4.36 -14.44 31.60
N LEU B 113 3.20 -14.74 31.00
CA LEU B 113 2.10 -15.31 31.75
C LEU B 113 1.51 -16.58 31.12
N GLU B 114 2.15 -17.11 30.09
CA GLU B 114 1.69 -18.31 29.37
C GLU B 114 1.43 -19.49 30.31
N LYS B 115 2.19 -19.53 31.41
CA LYS B 115 2.05 -20.56 32.42
C LYS B 115 1.04 -20.15 33.49
N LYS B 116 1.15 -18.90 33.94
CA LYS B 116 0.27 -18.38 34.99
C LYS B 116 -1.22 -18.31 34.58
N LEU B 117 -1.53 -17.78 33.39
CA LEU B 117 -2.92 -17.70 32.91
C LEU B 117 -3.26 -18.73 31.84
N LYS B 118 -4.47 -19.26 31.91
CA LYS B 118 -4.91 -20.28 30.97
C LYS B 118 -5.82 -19.63 29.93
N ILE B 119 -5.70 -20.01 28.67
CA ILE B 119 -6.54 -19.40 27.66
C ILE B 119 -7.94 -20.01 27.71
N ARG B 120 -8.96 -19.15 27.81
CA ARG B 120 -10.34 -19.64 27.80
C ARG B 120 -10.98 -19.53 26.43
N VAL B 121 -11.15 -20.65 25.74
CA VAL B 121 -11.68 -20.64 24.39
C VAL B 121 -13.18 -20.43 24.40
N GLU B 122 -13.65 -19.35 23.80
CA GLU B 122 -15.06 -18.98 23.86
C GLU B 122 -15.74 -18.92 22.47
N PRO B 123 -16.30 -20.02 21.99
CA PRO B 123 -16.93 -19.91 20.67
C PRO B 123 -17.92 -18.78 20.52
N GLY B 124 -18.49 -18.31 21.63
CA GLY B 124 -19.39 -17.18 21.58
C GLY B 124 -18.81 -15.89 21.00
N ILE B 125 -17.48 -15.77 21.01
CA ILE B 125 -16.83 -14.63 20.39
C ILE B 125 -16.14 -14.98 19.07
N PHE B 126 -16.56 -16.04 18.41
CA PHE B 126 -16.03 -16.35 17.11
C PHE B 126 -16.56 -15.37 16.06
N GLU B 127 -15.95 -15.39 14.89
CA GLU B 127 -16.37 -14.60 13.74
C GLU B 127 -17.84 -14.76 13.40
N TRP B 128 -18.43 -13.76 12.77
CA TRP B 128 -19.80 -13.86 12.30
C TRP B 128 -19.87 -14.98 11.27
N MET B 129 -20.66 -16.01 11.57
CA MET B 129 -20.76 -17.20 10.70
C MET B 129 -20.97 -16.86 9.23
N LYS B 130 -21.61 -15.73 8.94
CA LYS B 130 -21.90 -15.31 7.58
C LYS B 130 -20.60 -15.23 6.78
N TRP B 131 -19.51 -14.88 7.44
CA TRP B 131 -18.22 -14.76 6.73
C TRP B 131 -17.27 -15.96 6.85
N GLU B 132 -17.74 -17.14 7.22
CA GLU B 132 -16.87 -18.34 7.28
C GLU B 132 -17.60 -19.59 6.73
N ALA B 133 -16.86 -20.61 6.31
CA ALA B 133 -17.46 -21.82 5.69
C ALA B 133 -18.49 -22.55 6.56
N SER B 134 -19.44 -23.22 5.91
CA SER B 134 -20.50 -23.95 6.62
C SER B 134 -19.95 -24.77 7.79
N LYS B 135 -20.79 -25.02 8.78
CA LYS B 135 -20.36 -25.76 9.97
C LYS B 135 -19.93 -27.17 9.60
N ALA B 136 -20.69 -27.81 8.71
CA ALA B 136 -20.33 -29.12 8.23
C ALA B 136 -18.86 -29.16 7.83
N THR B 137 -18.38 -28.05 7.25
CA THR B 137 -17.00 -27.96 6.74
C THR B 137 -16.02 -27.25 7.67
N LEU B 138 -16.52 -26.40 8.57
CA LEU B 138 -15.60 -25.60 9.37
C LEU B 138 -15.25 -26.37 10.63
N THR B 139 -13.96 -26.50 10.92
CA THR B 139 -13.57 -27.30 12.08
C THR B 139 -12.42 -26.70 12.85
N PHE B 140 -12.68 -26.43 14.13
CA PHE B 140 -11.65 -25.92 15.01
C PHE B 140 -10.95 -27.05 15.71
N LEU B 141 -9.76 -26.76 16.19
CA LEU B 141 -8.98 -27.68 17.02
C LEU B 141 -9.73 -27.89 18.30
N THR B 142 -9.56 -29.07 18.91
CA THR B 142 -10.18 -29.35 20.18
C THR B 142 -9.22 -28.90 21.26
N LEU B 143 -9.76 -28.70 22.45
CA LEU B 143 -8.93 -28.29 23.58
C LEU B 143 -7.75 -29.24 23.72
N GLU B 144 -8.05 -30.54 23.59
CA GLU B 144 -7.05 -31.59 23.68
C GLU B 144 -5.91 -31.34 22.70
N GLU B 145 -6.27 -31.14 21.43
CA GLU B 145 -5.30 -30.87 20.37
C GLU B 145 -4.46 -29.63 20.67
N LEU B 146 -5.11 -28.60 21.21
CA LEU B 146 -4.45 -27.36 21.58
C LEU B 146 -3.50 -27.61 22.73
N LYS B 147 -4.00 -28.27 23.77
CA LYS B 147 -3.18 -28.67 24.90
C LYS B 147 -1.94 -29.44 24.41
N GLU B 148 -2.15 -30.36 23.47
CA GLU B 148 -1.07 -31.14 22.87
C GLU B 148 -0.16 -30.27 22.00
N ALA B 149 -0.73 -29.29 21.32
CA ALA B 149 0.07 -28.37 20.52
C ALA B 149 0.69 -27.31 21.40
N ASN B 150 0.51 -27.46 22.71
CA ASN B 150 1.18 -26.64 23.72
C ASN B 150 0.59 -25.24 23.89
N PHE B 151 -0.73 -25.19 23.92
CA PHE B 151 -1.46 -23.98 24.26
C PHE B 151 -2.07 -24.21 25.62
N ASN B 152 -1.63 -23.46 26.61
CA ASN B 152 -2.14 -23.70 27.95
C ASN B 152 -3.62 -23.29 28.03
N VAL B 153 -4.50 -24.10 27.44
CA VAL B 153 -5.94 -23.79 27.44
C VAL B 153 -6.63 -24.27 28.71
N ASP B 154 -7.72 -23.62 29.06
CA ASP B 154 -8.51 -23.98 30.25
C ASP B 154 -9.46 -25.12 29.88
N LEU B 155 -9.16 -26.31 30.37
CA LEU B 155 -9.93 -27.52 30.01
C LEU B 155 -11.27 -27.60 30.74
N ASP B 156 -11.43 -26.76 31.74
CA ASP B 156 -12.62 -26.72 32.59
C ASP B 156 -13.61 -25.63 32.21
N TYR B 157 -13.15 -24.56 31.55
CA TYR B 157 -14.02 -23.44 31.19
C TYR B 157 -15.28 -23.91 30.44
N ARG B 158 -16.46 -23.52 30.95
CA ARG B 158 -17.73 -23.79 30.28
C ARG B 158 -18.15 -22.64 29.40
N PRO B 159 -18.04 -22.80 28.07
CA PRO B 159 -18.32 -21.69 27.16
C PRO B 159 -19.76 -21.22 27.22
N ALA B 160 -19.95 -19.92 27.04
CA ALA B 160 -21.26 -19.30 26.97
C ALA B 160 -22.01 -19.80 25.75
N LEU B 161 -21.24 -20.37 24.82
CA LEU B 161 -21.76 -20.97 23.60
C LEU B 161 -20.77 -22.06 23.12
N PRO B 162 -21.14 -23.33 23.27
CA PRO B 162 -20.30 -24.42 22.78
C PRO B 162 -20.19 -24.42 21.26
N ARG B 163 -19.06 -24.93 20.76
CA ARG B 163 -18.73 -24.93 19.34
C ARG B 163 -19.86 -25.37 18.43
N CYS B 164 -20.47 -26.51 18.70
CA CYS B 164 -21.53 -27.07 17.86
C CYS B 164 -22.81 -26.23 17.85
N SER B 165 -22.93 -25.30 18.80
CA SER B 165 -24.09 -24.41 18.89
C SER B 165 -24.06 -23.27 17.88
N LEU B 166 -22.90 -23.06 17.27
CA LEU B 166 -22.75 -22.05 16.23
C LEU B 166 -23.50 -22.44 14.97
N MET B 167 -24.46 -21.60 14.59
CA MET B 167 -25.34 -21.87 13.45
C MET B 167 -24.77 -21.27 12.17
N PRO B 168 -24.39 -22.13 11.20
CA PRO B 168 -23.72 -21.72 9.97
C PRO B 168 -24.60 -20.90 9.04
N ALA B 169 -25.61 -20.24 9.61
CA ALA B 169 -26.51 -19.43 8.83
C ALA B 169 -27.08 -18.33 9.71
N GLU B 170 -26.38 -18.00 10.78
CA GLU B 170 -26.84 -16.96 11.69
C GLU B 170 -27.01 -15.61 10.97
N SER B 171 -28.01 -14.84 11.40
CA SER B 171 -28.25 -13.53 10.83
C SER B 171 -27.35 -12.55 11.55
N TYR B 172 -27.23 -11.35 10.99
CA TYR B 172 -26.51 -10.29 11.66
C TYR B 172 -27.04 -10.10 13.09
N ASP B 173 -28.36 -10.12 13.25
CA ASP B 173 -28.97 -9.82 14.54
C ASP B 173 -28.74 -10.93 15.55
N GLN B 174 -28.66 -12.16 15.05
CA GLN B 174 -28.37 -13.31 15.91
C GLN B 174 -26.93 -13.26 16.39
N TYR B 175 -26.02 -12.94 15.46
CA TYR B 175 -24.59 -12.74 15.73
C TYR B 175 -24.34 -11.71 16.84
N VAL B 176 -24.90 -10.52 16.68
CA VAL B 176 -24.73 -9.48 17.69
C VAL B 176 -25.34 -9.87 19.03
N GLU B 177 -26.44 -10.62 19.01
CA GLU B 177 -27.08 -11.04 20.24
C GLU B 177 -26.21 -12.06 20.94
N ARG B 178 -25.72 -13.05 20.17
CA ARG B 178 -24.87 -14.09 20.75
C ARG B 178 -23.60 -13.46 21.35
N CYS B 179 -23.05 -12.47 20.64
CA CYS B 179 -21.93 -11.70 21.15
C CYS B 179 -22.27 -11.01 22.47
N ALA B 180 -23.41 -10.32 22.54
CA ALA B 180 -23.84 -9.67 23.78
C ALA B 180 -23.99 -10.72 24.90
N VAL B 181 -24.62 -11.86 24.55
CA VAL B 181 -24.83 -12.95 25.52
C VAL B 181 -23.50 -13.47 26.05
N SER B 182 -22.53 -13.66 25.15
CA SER B 182 -21.21 -14.14 25.55
C SER B 182 -20.44 -13.14 26.40
N MET B 183 -20.50 -11.87 26.00
CA MET B 183 -19.87 -10.82 26.77
C MET B 183 -20.45 -10.72 28.16
N GLY B 184 -21.78 -10.84 28.23
CA GLY B 184 -22.52 -11.04 29.48
C GLY B 184 -21.88 -12.05 30.42
N GLN B 185 -21.80 -13.29 30.01
CA GLN B 185 -21.20 -14.32 30.87
C GLN B 185 -19.75 -14.02 31.24
N ILE B 186 -18.96 -13.54 30.29
CA ILE B 186 -17.55 -13.22 30.54
C ILE B 186 -17.42 -12.19 31.65
N ILE B 187 -18.15 -11.08 31.50
CA ILE B 187 -18.14 -9.99 32.49
C ILE B 187 -18.54 -10.48 33.88
N ASN B 188 -19.38 -11.51 33.94
CA ASN B 188 -19.81 -12.12 35.21
C ASN B 188 -18.98 -13.32 35.66
N THR B 189 -17.99 -13.72 34.86
CA THR B 189 -17.03 -14.73 35.29
C THR B 189 -16.05 -14.05 36.26
N CYS B 190 -16.38 -14.16 37.56
CA CYS B 190 -15.71 -13.45 38.67
C CYS B 190 -15.51 -11.92 38.43
N PRO B 191 -16.60 -11.13 38.54
CA PRO B 191 -16.52 -9.68 38.38
C PRO B 191 -16.00 -8.99 39.65
N GLN B 192 -14.68 -8.99 39.84
CA GLN B 192 -14.12 -8.43 41.06
C GLN B 192 -12.71 -7.91 40.82
N ASP B 193 -11.82 -8.79 40.35
CA ASP B 193 -10.43 -8.43 40.04
C ASP B 193 -10.36 -7.09 39.32
N MET B 194 -9.44 -6.25 39.78
CA MET B 194 -9.29 -4.92 39.23
C MET B 194 -8.30 -4.89 38.06
N GLY B 195 -8.31 -5.95 37.25
CA GLY B 195 -7.36 -6.04 36.16
C GLY B 195 -7.99 -5.96 34.79
N ILE B 196 -7.17 -6.18 33.76
CA ILE B 196 -7.61 -6.20 32.39
C ILE B 196 -7.83 -7.62 31.92
N THR B 197 -8.93 -7.82 31.21
CA THR B 197 -9.24 -9.08 30.57
C THR B 197 -9.08 -8.91 29.07
N LEU B 198 -8.31 -9.80 28.45
CA LEU B 198 -8.11 -9.83 27.00
C LEU B 198 -9.20 -10.62 26.28
N ILE B 199 -9.75 -10.04 25.22
CA ILE B 199 -10.65 -10.78 24.36
C ILE B 199 -9.97 -10.82 23.00
N VAL B 200 -9.32 -11.93 22.70
CA VAL B 200 -8.61 -12.04 21.45
C VAL B 200 -9.57 -12.63 20.43
N SER B 201 -10.00 -11.82 19.45
CA SER B 201 -11.08 -12.22 18.57
C SER B 201 -10.91 -11.65 17.15
N HIS B 202 -11.97 -11.27 16.49
CA HIS B 202 -11.94 -10.86 15.09
C HIS B 202 -12.27 -9.40 14.92
N SER B 203 -12.09 -8.92 13.69
CA SER B 203 -12.38 -7.54 13.39
C SER B 203 -13.72 -7.12 13.97
N SER B 204 -14.76 -7.81 13.53
CA SER B 204 -16.12 -7.55 13.97
C SER B 204 -16.30 -7.46 15.48
N ALA B 205 -15.48 -8.19 16.25
CA ALA B 205 -15.63 -8.22 17.71
C ALA B 205 -15.34 -6.86 18.34
N LEU B 206 -14.48 -6.04 17.71
CA LEU B 206 -14.18 -4.75 18.29
C LEU B 206 -15.44 -3.88 18.38
N ASP B 207 -16.43 -4.22 17.57
CA ASP B 207 -17.69 -3.48 17.61
C ASP B 207 -18.74 -4.29 18.36
N SER B 208 -18.89 -5.55 17.95
CA SER B 208 -19.92 -6.43 18.50
C SER B 208 -19.72 -6.84 19.97
N CYS B 209 -18.51 -6.65 20.50
CA CYS B 209 -18.24 -7.09 21.87
C CYS B 209 -18.05 -5.93 22.79
N THR B 210 -18.15 -4.71 22.26
CA THR B 210 -18.00 -3.53 23.09
C THR B 210 -19.31 -2.75 23.21
N ARG B 211 -20.02 -2.63 22.09
CA ARG B 211 -21.30 -1.97 22.11
C ARG B 211 -22.19 -2.45 23.27
N PRO B 212 -22.38 -3.77 23.43
CA PRO B 212 -23.24 -4.21 24.56
C PRO B 212 -22.80 -3.67 25.93
N LEU B 213 -21.51 -3.76 26.23
CA LEU B 213 -20.94 -3.17 27.45
C LEU B 213 -21.23 -1.68 27.58
N LEU B 214 -21.15 -0.97 26.46
CA LEU B 214 -21.41 0.47 26.43
C LEU B 214 -22.91 0.81 26.48
N GLY B 215 -23.76 -0.21 26.52
CA GLY B 215 -25.21 -0.04 26.49
C GLY B 215 -25.74 0.54 25.19
N LEU B 216 -24.96 0.42 24.12
CA LEU B 216 -25.36 0.91 22.80
C LEU B 216 -26.08 -0.18 22.00
N PRO B 217 -27.05 0.24 21.15
CA PRO B 217 -27.71 -0.71 20.27
C PRO B 217 -26.75 -1.11 19.15
N PRO B 218 -26.94 -2.31 18.56
CA PRO B 218 -26.10 -2.73 17.43
C PRO B 218 -26.09 -1.69 16.30
N ARG B 219 -24.93 -1.48 15.67
CA ARG B 219 -24.86 -0.62 14.49
C ARG B 219 -25.73 -1.21 13.39
N GLU B 220 -26.17 -0.33 12.47
CA GLU B 220 -26.82 -0.79 11.25
C GLU B 220 -25.85 -1.71 10.52
N CYS B 221 -26.36 -2.84 10.02
CA CYS B 221 -25.55 -3.90 9.39
C CYS B 221 -24.51 -3.40 8.37
N GLY B 222 -24.96 -2.53 7.45
CA GLY B 222 -24.07 -1.91 6.46
C GLY B 222 -23.01 -1.05 7.09
N ASP B 223 -23.44 -0.20 8.03
CA ASP B 223 -22.55 0.65 8.82
C ASP B 223 -21.46 -0.16 9.58
N PHE B 224 -21.84 -1.34 10.07
CA PHE B 224 -20.97 -2.26 10.81
C PHE B 224 -19.87 -2.93 9.97
N ALA B 225 -20.23 -3.43 8.78
CA ALA B 225 -19.29 -4.13 7.89
C ALA B 225 -18.24 -3.16 7.33
N GLN B 226 -18.72 -1.94 7.08
CA GLN B 226 -17.95 -0.82 6.59
C GLN B 226 -16.84 -0.42 7.58
N LEU B 227 -17.15 -0.49 8.87
CA LEU B 227 -16.19 -0.14 9.90
C LEU B 227 -15.22 -1.25 10.19
N VAL B 228 -15.69 -2.49 10.14
CA VAL B 228 -14.83 -3.58 10.56
C VAL B 228 -13.73 -4.02 9.57
N ARG B 229 -13.83 -3.63 8.30
CA ARG B 229 -12.79 -3.97 7.31
C ARG B 229 -11.57 -3.08 7.52
N LYS B 230 -11.78 -1.95 8.18
CA LYS B 230 -10.74 -0.94 8.45
C LYS B 230 -9.85 -1.30 9.64
N ILE B 231 -10.11 -2.45 10.27
CA ILE B 231 -9.41 -2.85 11.47
C ILE B 231 -8.17 -3.73 11.19
N PRO B 232 -7.00 -3.23 11.61
CA PRO B 232 -5.77 -3.92 11.32
C PRO B 232 -5.42 -4.99 12.34
N SER B 233 -4.43 -5.81 11.97
CA SER B 233 -3.92 -6.80 12.88
C SER B 233 -3.50 -6.19 14.19
N LEU B 234 -3.84 -6.87 15.29
CA LEU B 234 -3.61 -6.40 16.66
C LEU B 234 -4.36 -5.09 16.97
N GLY B 235 -5.24 -4.67 16.06
CA GLY B 235 -6.17 -3.54 16.31
C GLY B 235 -6.91 -3.73 17.61
N MET B 236 -7.05 -2.67 18.40
CA MET B 236 -7.60 -2.76 19.78
C MET B 236 -8.75 -1.82 20.13
N CYS B 237 -9.58 -2.27 21.04
CA CYS B 237 -10.64 -1.45 21.50
C CYS B 237 -10.75 -1.69 23.00
N PHE B 238 -10.64 -0.62 23.79
CA PHE B 238 -10.55 -0.73 25.25
C PHE B 238 -11.76 -0.17 25.99
N CYS B 239 -12.34 -0.97 26.87
CA CYS B 239 -13.43 -0.52 27.72
C CYS B 239 -13.09 -0.61 29.19
N GLU B 240 -13.48 0.42 29.95
CA GLU B 240 -13.33 0.42 31.40
C GLU B 240 -14.66 0.52 32.14
N GLU B 241 -14.73 -0.12 33.30
CA GLU B 241 -15.91 -0.07 34.17
C GLU B 241 -15.80 0.98 35.28
N ASN B 242 -16.77 1.87 35.33
CA ASN B 242 -16.86 2.85 36.40
C ASN B 242 -17.37 2.20 37.71
N ARG B 243 -16.72 2.48 38.84
CA ARG B 243 -17.06 1.86 40.15
C ARG B 243 -18.55 1.99 40.51
N GLU B 244 -18.96 3.22 40.76
CA GLU B 244 -20.29 3.56 41.24
C GLU B 244 -21.38 3.44 40.16
N ASP B 245 -21.19 4.14 39.04
CA ASP B 245 -22.08 4.08 37.87
C ASP B 245 -22.41 2.66 37.40
N GLY B 246 -21.41 1.79 37.36
CA GLY B 246 -21.58 0.45 36.81
C GLY B 246 -21.57 0.47 35.28
N LYS B 247 -21.48 1.67 34.73
CA LYS B 247 -21.43 1.84 33.28
C LYS B 247 -20.02 1.57 32.73
N TRP B 248 -19.95 1.22 31.46
CA TRP B 248 -18.67 1.03 30.79
C TRP B 248 -18.30 2.21 29.90
N ASP B 249 -17.05 2.62 29.95
CA ASP B 249 -16.58 3.69 29.11
C ASP B 249 -15.52 3.26 28.12
N LEU B 250 -15.72 3.67 26.88
CA LEU B 250 -14.76 3.44 25.81
C LEU B 250 -13.57 4.36 26.00
N VAL B 251 -12.38 3.78 26.22
CA VAL B 251 -11.16 4.59 26.43
C VAL B 251 -9.96 4.18 25.59
N ASN B 252 -8.92 5.00 25.64
CA ASN B 252 -7.65 4.72 24.91
C ASN B 252 -7.06 3.37 25.29
N PRO B 253 -6.65 2.58 24.29
CA PRO B 253 -6.01 1.32 24.57
C PRO B 253 -4.68 1.59 25.24
N PRO B 254 -4.28 0.69 26.15
CA PRO B 254 -3.07 0.89 26.94
C PRO B 254 -1.77 0.75 26.15
N VAL B 255 -1.83 0.28 24.90
CA VAL B 255 -0.64 0.27 24.03
C VAL B 255 -0.85 1.00 22.70
N LYS B 256 0.24 1.56 22.18
CA LYS B 256 0.20 2.28 20.94
C LYS B 256 -0.22 1.39 19.75
N THR B 257 -0.54 2.02 18.63
CA THR B 257 -0.89 1.32 17.44
C THR B 257 0.38 0.75 16.73
N LEU B 258 0.21 -0.17 15.77
CA LEU B 258 1.32 -0.75 15.05
C LEU B 258 1.22 -0.56 13.53
N THR B 259 2.04 0.32 12.98
CA THR B 259 1.95 0.66 11.57
C THR B 259 3.26 0.25 10.88
N HIS B 260 3.15 -0.56 9.83
CA HIS B 260 4.34 -0.92 9.04
C HIS B 260 3.96 -1.29 7.61
N GLY B 261 4.92 -1.27 6.70
CA GLY B 261 4.63 -1.51 5.31
C GLY B 261 4.65 -2.96 4.92
N ALA B 262 4.30 -3.23 3.68
CA ALA B 262 4.36 -4.60 3.18
C ALA B 262 5.79 -4.95 2.72
N ASN B 263 5.93 -6.16 2.24
CA ASN B 263 7.14 -6.60 1.67
C ASN B 263 6.71 -7.48 0.51
N SER B 264 6.90 -6.98 -0.70
CA SER B 264 6.43 -7.65 -1.90
C SER B 264 7.37 -8.76 -2.34
N VAL B 265 6.86 -9.70 -3.12
CA VAL B 265 7.65 -10.85 -3.56
C VAL B 265 8.78 -10.40 -4.48
N PHE B 266 9.95 -11.01 -4.27
CA PHE B 266 11.13 -10.69 -5.06
C PHE B 266 11.71 -11.95 -5.69
N ASN B 267 12.49 -11.78 -6.76
CA ASN B 267 13.24 -12.88 -7.37
C ASN B 267 14.39 -12.39 -8.24
N TRP B 268 15.58 -12.91 -7.94
CA TRP B 268 16.79 -12.69 -8.72
C TRP B 268 16.60 -12.86 -10.26
N ARG B 269 15.65 -13.72 -10.64
CA ARG B 269 15.26 -13.91 -12.04
C ARG B 269 14.17 -12.92 -12.50
N ASN B 270 13.69 -12.03 -11.61
CA ASN B 270 12.81 -10.91 -12.00
C ASN B 270 13.43 -10.28 -13.24
N TRP B 271 14.70 -9.90 -13.13
CA TRP B 271 15.55 -9.52 -14.27
C TRP B 271 17.05 -9.47 -13.94
N ARG C 9 1.82 -7.59 -38.39
CA ARG C 9 1.10 -8.83 -37.94
C ARG C 9 -0.28 -8.57 -37.33
N ARG C 10 -1.02 -9.64 -37.12
CA ARG C 10 -2.31 -9.60 -36.46
C ARG C 10 -2.15 -9.94 -34.98
N GLY C 11 -2.73 -9.11 -34.12
CA GLY C 11 -2.61 -9.30 -32.67
C GLY C 11 -3.90 -9.34 -31.86
N ILE C 12 -3.82 -9.97 -30.68
CA ILE C 12 -4.91 -10.02 -29.72
C ILE C 12 -4.39 -9.42 -28.39
N LEU C 13 -5.08 -8.41 -27.90
CA LEU C 13 -4.71 -7.78 -26.65
C LEU C 13 -5.78 -8.00 -25.59
N VAL C 14 -5.45 -8.83 -24.60
CA VAL C 14 -6.43 -9.09 -23.56
C VAL C 14 -6.21 -8.05 -22.47
N ILE C 15 -7.29 -7.38 -22.03
CA ILE C 15 -7.24 -6.27 -21.09
C ILE C 15 -8.20 -6.45 -19.93
N ARG C 16 -7.68 -6.39 -18.71
CA ARG C 16 -8.53 -6.41 -17.52
C ARG C 16 -9.33 -5.09 -17.35
N HIS C 17 -10.56 -5.16 -16.83
CA HIS C 17 -11.34 -3.93 -16.57
C HIS C 17 -10.65 -3.08 -15.48
N GLY C 18 -11.03 -1.80 -15.38
CA GLY C 18 -10.52 -0.88 -14.37
C GLY C 18 -11.13 -1.17 -13.01
N GLU C 19 -10.73 -0.40 -12.02
CA GLU C 19 -11.18 -0.56 -10.65
C GLU C 19 -12.68 -0.49 -10.54
N ARG C 20 -13.28 -1.44 -9.83
CA ARG C 20 -14.72 -1.46 -9.65
C ARG C 20 -15.09 -0.95 -8.27
N VAL C 21 -16.24 -0.27 -8.14
CA VAL C 21 -16.54 0.40 -6.86
C VAL C 21 -16.49 -0.53 -5.68
N ASP C 22 -16.97 -1.77 -5.86
CA ASP C 22 -17.09 -2.69 -4.74
C ASP C 22 -15.73 -3.21 -4.26
N GLN C 23 -14.70 -3.11 -5.10
CA GLN C 23 -13.33 -3.44 -4.73
C GLN C 23 -12.87 -2.44 -3.67
N VAL C 24 -13.45 -1.23 -3.67
CA VAL C 24 -13.05 -0.19 -2.72
C VAL C 24 -13.99 -0.04 -1.52
N PHE C 25 -15.28 -0.10 -1.76
CA PHE C 25 -16.24 0.17 -0.69
C PHE C 25 -16.91 -1.07 -0.10
N GLY C 26 -16.68 -2.23 -0.74
CA GLY C 26 -17.20 -3.51 -0.27
C GLY C 26 -18.59 -3.84 -0.80
N LYS C 27 -19.12 -4.99 -0.37
CA LYS C 27 -20.45 -5.47 -0.83
C LYS C 27 -21.56 -4.47 -0.48
N SER C 28 -21.35 -3.77 0.65
CA SER C 28 -22.29 -2.75 1.14
C SER C 28 -22.35 -1.47 0.29
N TRP C 29 -21.44 -1.32 -0.67
CA TRP C 29 -21.36 -0.12 -1.50
C TRP C 29 -22.74 0.42 -1.95
N LEU C 30 -23.59 -0.46 -2.44
CA LEU C 30 -24.86 -0.04 -3.00
C LEU C 30 -25.71 0.64 -1.94
N GLN C 31 -25.64 0.15 -0.70
CA GLN C 31 -26.38 0.75 0.41
C GLN C 31 -25.81 2.10 0.82
N GLN C 32 -24.49 2.28 0.63
CA GLN C 32 -23.80 3.53 1.00
C GLN C 32 -24.12 4.72 0.09
N CYS C 33 -24.66 4.44 -1.09
CA CYS C 33 -24.87 5.47 -2.09
C CYS C 33 -26.33 5.64 -2.51
N THR C 34 -27.23 5.00 -1.77
CA THR C 34 -28.66 5.00 -2.08
C THR C 34 -29.45 5.64 -0.96
N THR C 35 -30.08 6.78 -1.24
CA THR C 35 -30.94 7.49 -0.26
C THR C 35 -32.02 6.57 0.33
N ALA C 36 -32.50 6.90 1.54
CA ALA C 36 -33.70 6.24 2.07
C ALA C 36 -34.78 6.41 1.01
N ASP C 37 -34.88 7.65 0.54
CA ASP C 37 -35.60 8.08 -0.66
C ASP C 37 -35.44 7.17 -1.91
N GLY C 38 -34.39 6.33 -1.93
CA GLY C 38 -34.21 5.31 -2.97
C GLY C 38 -33.25 5.69 -4.09
N LYS C 39 -32.79 6.94 -4.07
CA LYS C 39 -32.00 7.48 -5.15
C LYS C 39 -30.50 7.32 -4.93
N TYR C 40 -29.74 7.60 -5.98
CA TYR C 40 -28.31 7.47 -5.94
C TYR C 40 -27.68 8.82 -5.61
N TYR C 41 -26.63 8.79 -4.78
CA TYR C 41 -25.82 9.98 -4.51
C TYR C 41 -24.33 9.55 -4.31
N ARG C 42 -23.39 10.48 -4.41
CA ARG C 42 -22.00 10.09 -4.22
C ARG C 42 -21.52 10.41 -2.80
N PRO C 43 -21.40 9.38 -1.95
CA PRO C 43 -20.90 9.65 -0.62
C PRO C 43 -19.40 9.87 -0.59
N ASP C 44 -18.73 9.65 -1.71
CA ASP C 44 -17.29 9.76 -1.84
C ASP C 44 -17.04 9.95 -3.30
N LEU C 45 -16.04 10.75 -3.65
CA LEU C 45 -15.80 11.12 -5.03
C LEU C 45 -15.46 9.93 -5.90
N ASN C 46 -15.07 8.82 -5.27
CA ASN C 46 -14.66 7.70 -6.10
C ASN C 46 -15.85 7.00 -6.66
N PHE C 47 -17.03 7.25 -6.11
CA PHE C 47 -18.26 6.74 -6.74
C PHE C 47 -18.42 7.54 -7.98
N PRO C 48 -18.91 6.91 -9.06
CA PRO C 48 -19.06 7.60 -10.34
C PRO C 48 -20.09 8.77 -10.31
N ARG C 49 -19.97 9.71 -11.25
CA ARG C 49 -20.93 10.83 -11.37
C ARG C 49 -22.37 10.34 -11.39
N SER C 50 -22.65 9.33 -12.19
CA SER C 50 -24.00 8.73 -12.27
C SER C 50 -23.98 7.23 -12.66
N LEU C 51 -25.11 6.58 -12.42
CA LEU C 51 -25.28 5.22 -12.85
C LEU C 51 -26.10 5.19 -14.13
N PRO C 52 -25.83 4.23 -15.02
CA PRO C 52 -26.66 4.15 -16.23
C PRO C 52 -28.10 3.70 -15.95
N ARG C 53 -29.01 4.02 -16.86
CA ARG C 53 -30.42 3.60 -16.77
C ARG C 53 -30.57 2.09 -16.79
N ARG C 54 -31.22 1.55 -15.75
CA ARG C 54 -31.26 0.10 -15.59
C ARG C 54 -32.65 -0.48 -15.23
N SER C 55 -33.02 -1.59 -15.88
CA SER C 55 -34.20 -2.37 -15.50
C SER C 55 -34.07 -2.96 -14.12
N ASN C 56 -35.04 -3.77 -13.74
CA ASN C 56 -35.00 -4.51 -12.49
C ASN C 56 -34.34 -3.79 -11.34
N GLY C 57 -34.19 -2.47 -11.46
CA GLY C 57 -33.76 -1.63 -10.37
C GLY C 57 -32.26 -1.41 -10.24
N ILE C 58 -31.96 -0.24 -9.66
CA ILE C 58 -30.66 0.06 -9.06
C ILE C 58 -30.23 -1.20 -8.32
N LYS C 59 -31.21 -1.97 -7.90
CA LYS C 59 -30.93 -3.14 -7.13
C LYS C 59 -29.99 -4.10 -7.88
N ASP C 60 -29.93 -3.98 -9.20
CA ASP C 60 -29.16 -4.94 -10.02
C ASP C 60 -27.65 -4.69 -10.08
N PHE C 61 -27.24 -3.47 -9.73
CA PHE C 61 -25.82 -3.11 -9.75
C PHE C 61 -25.09 -3.89 -8.72
N GLU C 62 -25.82 -4.39 -7.73
CA GLU C 62 -25.19 -5.13 -6.66
C GLU C 62 -24.28 -6.26 -7.18
N ASN C 63 -24.82 -7.04 -8.10
CA ASN C 63 -24.08 -8.16 -8.63
C ASN C 63 -23.33 -7.83 -9.92
N ASP C 64 -23.54 -6.63 -10.46
CA ASP C 64 -22.90 -6.19 -11.69
C ASP C 64 -22.49 -4.73 -11.51
N PRO C 65 -21.44 -4.47 -10.70
CA PRO C 65 -21.10 -3.10 -10.31
C PRO C 65 -20.37 -2.33 -11.39
N PRO C 66 -20.41 -1.00 -11.33
CA PRO C 66 -19.73 -0.12 -12.30
C PRO C 66 -18.29 0.21 -11.91
N LEU C 67 -17.58 0.89 -12.82
CA LEU C 67 -16.24 1.37 -12.56
C LEU C 67 -16.32 2.47 -11.51
N SER C 68 -15.26 2.57 -10.70
CA SER C 68 -15.12 3.69 -9.80
C SER C 68 -14.61 4.82 -10.64
N SER C 69 -14.48 6.02 -10.08
CA SER C 69 -13.89 7.12 -10.85
C SER C 69 -12.47 6.74 -11.21
N CYS C 70 -11.76 6.12 -10.27
CA CYS C 70 -10.39 5.70 -10.54
C CYS C 70 -10.35 4.72 -11.74
N GLY C 71 -11.20 3.70 -11.66
CA GLY C 71 -11.47 2.81 -12.79
C GLY C 71 -11.55 3.57 -14.09
N ILE C 72 -12.38 4.61 -14.17
CA ILE C 72 -12.50 5.35 -15.42
C ILE C 72 -11.16 6.01 -15.76
N PHE C 73 -10.50 6.62 -14.78
CA PHE C 73 -9.19 7.21 -15.03
C PHE C 73 -8.23 6.19 -15.61
N GLN C 74 -8.20 5.01 -15.01
CA GLN C 74 -7.38 3.94 -15.51
C GLN C 74 -7.73 3.61 -16.98
N ALA C 75 -9.01 3.53 -17.30
CA ALA C 75 -9.35 3.06 -18.63
C ALA C 75 -8.97 4.12 -19.65
N ARG C 76 -9.28 5.37 -19.35
CA ARG C 76 -8.86 6.48 -20.19
C ARG C 76 -7.32 6.54 -20.41
N LEU C 77 -6.55 6.43 -19.31
CA LEU C 77 -5.09 6.54 -19.41
C LEU C 77 -4.53 5.47 -20.33
N ALA C 78 -5.04 4.25 -20.23
CA ALA C 78 -4.64 3.19 -21.16
C ALA C 78 -5.04 3.51 -22.58
N GLY C 79 -6.27 3.98 -22.75
CA GLY C 79 -6.76 4.32 -24.09
C GLY C 79 -5.84 5.34 -24.74
N GLU C 80 -5.62 6.43 -24.04
CA GLU C 80 -4.69 7.45 -24.46
C GLU C 80 -3.33 6.85 -24.86
N ALA C 81 -2.86 5.86 -24.14
CA ALA C 81 -1.52 5.33 -24.38
C ALA C 81 -1.50 4.51 -25.67
N LEU C 82 -2.63 3.87 -25.95
CA LEU C 82 -2.80 3.11 -27.18
C LEU C 82 -2.87 4.06 -28.37
N LEU C 83 -3.56 5.19 -28.20
CA LEU C 83 -3.51 6.20 -29.23
C LEU C 83 -2.06 6.58 -29.48
N ASP C 84 -1.36 7.01 -28.43
CA ASP C 84 0.03 7.45 -28.53
C ASP C 84 0.96 6.39 -29.09
N SER C 85 0.70 5.13 -28.83
CA SER C 85 1.57 4.06 -29.31
C SER C 85 1.57 3.95 -30.84
N GLY C 86 0.59 4.56 -31.47
CA GLY C 86 0.46 4.52 -32.91
C GLY C 86 -0.17 3.26 -33.47
N VAL C 87 -0.41 2.26 -32.63
CA VAL C 87 -1.03 1.00 -33.08
C VAL C 87 -2.41 1.18 -33.68
N ARG C 88 -2.80 0.19 -34.48
CA ARG C 88 -4.06 0.23 -35.19
C ARG C 88 -5.04 -0.77 -34.57
N VAL C 89 -6.12 -0.25 -34.01
CA VAL C 89 -7.14 -1.11 -33.41
C VAL C 89 -8.29 -1.30 -34.38
N THR C 90 -8.68 -2.54 -34.61
CA THR C 90 -9.63 -2.88 -35.67
C THR C 90 -10.94 -3.41 -35.13
N ALA C 91 -10.96 -3.89 -33.89
CA ALA C 91 -12.17 -4.46 -33.30
C ALA C 91 -12.04 -4.50 -31.78
N VAL C 92 -13.17 -4.44 -31.09
CA VAL C 92 -13.19 -4.66 -29.66
C VAL C 92 -14.31 -5.60 -29.21
N PHE C 93 -13.97 -6.59 -28.39
CA PHE C 93 -14.95 -7.47 -27.79
C PHE C 93 -14.91 -7.23 -26.30
N ALA C 94 -16.02 -7.43 -25.60
CA ALA C 94 -16.06 -7.21 -24.16
C ALA C 94 -17.02 -8.17 -23.49
N SER C 95 -16.65 -8.62 -22.29
CA SER C 95 -17.54 -9.36 -21.43
C SER C 95 -18.79 -8.54 -21.19
N PRO C 96 -19.93 -9.21 -20.99
CA PRO C 96 -21.14 -8.42 -20.76
C PRO C 96 -21.12 -7.63 -19.43
N ALA C 97 -20.20 -7.94 -18.52
CA ALA C 97 -20.17 -7.24 -17.24
C ALA C 97 -20.00 -5.76 -17.47
N LEU C 98 -20.79 -4.98 -16.74
CA LEU C 98 -20.79 -3.52 -16.92
C LEU C 98 -19.37 -2.94 -16.78
N ARG C 99 -18.60 -3.42 -15.81
CA ARG C 99 -17.24 -2.93 -15.65
C ARG C 99 -16.38 -3.13 -16.91
N CYS C 100 -16.67 -4.19 -17.65
CA CYS C 100 -15.90 -4.46 -18.84
C CYS C 100 -16.35 -3.52 -19.97
N VAL C 101 -17.65 -3.44 -20.16
CA VAL C 101 -18.20 -2.66 -21.25
C VAL C 101 -17.83 -1.20 -21.06
N GLN C 102 -17.90 -0.73 -19.81
CA GLN C 102 -17.48 0.64 -19.52
C GLN C 102 -16.00 0.83 -19.85
N THR C 103 -15.18 -0.14 -19.49
CA THR C 103 -13.78 -0.03 -19.78
C THR C 103 -13.55 0.04 -21.31
N ALA C 104 -14.13 -0.91 -22.03
CA ALA C 104 -14.11 -0.84 -23.50
C ALA C 104 -14.45 0.57 -24.02
N LYS C 105 -15.56 1.15 -23.52
CA LYS C 105 -16.01 2.47 -23.94
C LYS C 105 -14.97 3.57 -23.74
N HIS C 106 -14.40 3.66 -22.55
CA HIS C 106 -13.42 4.71 -22.27
C HIS C 106 -12.09 4.52 -23.02
N ILE C 107 -11.72 3.27 -23.25
CA ILE C 107 -10.57 3.05 -24.07
C ILE C 107 -10.85 3.66 -25.44
N LEU C 108 -12.01 3.35 -26.02
CA LEU C 108 -12.35 3.84 -27.38
C LEU C 108 -12.40 5.36 -27.45
N GLU C 109 -13.03 5.97 -26.46
CA GLU C 109 -13.09 7.41 -26.42
C GLU C 109 -11.74 8.09 -26.46
N GLU C 110 -10.73 7.50 -25.83
CA GLU C 110 -9.42 8.11 -25.83
C GLU C 110 -8.66 7.77 -27.09
N LEU C 111 -9.07 6.70 -27.74
CA LEU C 111 -8.50 6.27 -28.99
C LEU C 111 -9.17 7.09 -30.12
N LYS C 112 -10.29 7.74 -29.78
CA LYS C 112 -11.13 8.46 -30.74
C LYS C 112 -11.81 7.54 -31.75
N LEU C 113 -12.30 6.39 -31.28
CA LEU C 113 -12.92 5.42 -32.15
C LEU C 113 -14.29 4.96 -31.68
N GLU C 114 -14.81 5.58 -30.61
CA GLU C 114 -16.12 5.24 -30.04
C GLU C 114 -17.27 5.24 -31.03
N LYS C 115 -17.13 6.04 -32.09
CA LYS C 115 -18.09 6.12 -33.16
C LYS C 115 -17.74 5.16 -34.29
N LYS C 116 -16.45 5.12 -34.64
CA LYS C 116 -15.99 4.28 -35.72
C LYS C 116 -16.17 2.77 -35.43
N LEU C 117 -15.77 2.30 -34.23
CA LEU C 117 -15.88 0.86 -33.88
C LEU C 117 -17.04 0.61 -32.95
N LYS C 118 -17.69 -0.54 -33.11
CA LYS C 118 -18.82 -0.90 -32.26
C LYS C 118 -18.40 -1.99 -31.30
N ILE C 119 -18.80 -1.86 -30.04
CA ILE C 119 -18.39 -2.84 -29.04
C ILE C 119 -19.16 -4.14 -29.25
N ARG C 120 -18.45 -5.26 -29.35
CA ARG C 120 -19.10 -6.56 -29.48
C ARG C 120 -19.13 -7.27 -28.15
N VAL C 121 -20.32 -7.41 -27.58
CA VAL C 121 -20.49 -8.04 -26.28
C VAL C 121 -20.50 -9.55 -26.43
N GLU C 122 -19.56 -10.21 -25.77
CA GLU C 122 -19.37 -11.65 -25.92
C GLU C 122 -19.46 -12.38 -24.58
N PRO C 123 -20.66 -12.87 -24.19
CA PRO C 123 -20.75 -13.59 -22.89
C PRO C 123 -19.75 -14.75 -22.72
N GLY C 124 -19.30 -15.31 -23.85
CA GLY C 124 -18.30 -16.37 -23.82
C GLY C 124 -16.98 -15.97 -23.15
N ILE C 125 -16.73 -14.68 -22.96
CA ILE C 125 -15.51 -14.27 -22.28
C ILE C 125 -15.83 -13.67 -20.93
N PHE C 126 -17.00 -13.99 -20.39
CA PHE C 126 -17.37 -13.50 -19.08
C PHE C 126 -16.54 -14.20 -18.01
N GLU C 127 -16.61 -13.65 -16.80
CA GLU C 127 -15.92 -14.18 -15.62
C GLU C 127 -16.28 -15.64 -15.41
N TRP C 128 -15.40 -16.40 -14.76
CA TRP C 128 -15.72 -17.77 -14.39
C TRP C 128 -16.90 -17.75 -13.44
N MET C 129 -17.99 -18.38 -13.87
CA MET C 129 -19.24 -18.41 -13.09
C MET C 129 -19.06 -18.71 -11.61
N LYS C 130 -18.03 -19.51 -11.31
CA LYS C 130 -17.73 -19.92 -9.95
C LYS C 130 -17.48 -18.73 -9.03
N TRP C 131 -16.68 -17.76 -9.48
CA TRP C 131 -16.38 -16.58 -8.66
C TRP C 131 -17.56 -15.61 -8.59
N GLU C 132 -18.46 -15.71 -9.56
CA GLU C 132 -19.65 -14.87 -9.57
C GLU C 132 -20.82 -15.54 -8.86
N ALA C 133 -22.00 -14.94 -9.00
CA ALA C 133 -23.19 -15.45 -8.36
C ALA C 133 -24.06 -16.23 -9.36
N SER C 134 -24.96 -17.06 -8.84
CA SER C 134 -25.81 -17.90 -9.69
C SER C 134 -26.67 -17.09 -10.67
N LYS C 135 -27.40 -17.80 -11.53
CA LYS C 135 -28.22 -17.16 -12.55
C LYS C 135 -29.29 -16.28 -11.91
N ALA C 136 -30.00 -16.85 -10.93
CA ALA C 136 -31.05 -16.12 -10.24
C ALA C 136 -30.52 -14.91 -9.46
N THR C 137 -29.19 -14.84 -9.34
CA THR C 137 -28.52 -13.78 -8.57
C THR C 137 -27.55 -12.98 -9.47
N LEU C 138 -27.68 -13.14 -10.78
CA LEU C 138 -26.83 -12.38 -11.71
C LEU C 138 -27.48 -12.08 -13.07
N THR C 139 -27.48 -10.78 -13.41
CA THR C 139 -28.10 -10.26 -14.62
C THR C 139 -27.20 -9.18 -15.24
N PHE C 140 -27.16 -9.11 -16.57
CA PHE C 140 -26.45 -8.05 -17.28
C PHE C 140 -27.41 -7.05 -17.92
N LEU C 141 -26.92 -5.86 -18.26
CA LEU C 141 -27.63 -4.92 -19.12
C LEU C 141 -27.88 -5.58 -20.48
N THR C 142 -29.00 -5.21 -21.11
CA THR C 142 -29.26 -5.66 -22.46
C THR C 142 -28.58 -4.69 -23.43
N LEU C 143 -28.28 -5.17 -24.63
CA LEU C 143 -27.74 -4.31 -25.67
C LEU C 143 -28.56 -3.01 -25.80
N GLU C 144 -29.89 -3.14 -25.80
CA GLU C 144 -30.80 -2.02 -25.91
C GLU C 144 -30.50 -0.98 -24.83
N GLU C 145 -30.44 -1.44 -23.58
CA GLU C 145 -30.11 -0.59 -22.42
C GLU C 145 -28.74 0.09 -22.57
N LEU C 146 -27.76 -0.67 -23.08
CA LEU C 146 -26.43 -0.12 -23.32
C LEU C 146 -26.47 0.94 -24.41
N LYS C 147 -27.11 0.60 -25.53
CA LYS C 147 -27.33 1.54 -26.61
C LYS C 147 -27.99 2.82 -26.10
N GLU C 148 -28.96 2.65 -25.21
CA GLU C 148 -29.65 3.76 -24.58
C GLU C 148 -28.75 4.48 -23.58
N ALA C 149 -27.91 3.74 -22.87
CA ALA C 149 -26.96 4.37 -21.96
C ALA C 149 -25.74 4.95 -22.72
N ASN C 150 -25.80 4.85 -24.04
CA ASN C 150 -24.84 5.48 -24.92
C ASN C 150 -23.51 4.70 -25.07
N PHE C 151 -23.63 3.39 -25.22
CA PHE C 151 -22.49 2.53 -25.55
C PHE C 151 -22.77 2.07 -26.96
N ASN C 152 -21.88 2.43 -27.87
CA ASN C 152 -22.07 2.08 -29.25
C ASN C 152 -21.86 0.57 -29.46
N VAL C 153 -22.82 -0.22 -29.00
CA VAL C 153 -22.71 -1.67 -29.08
C VAL C 153 -23.13 -2.18 -30.45
N ASP C 154 -22.59 -3.33 -30.85
CA ASP C 154 -22.99 -3.99 -32.08
C ASP C 154 -24.26 -4.78 -31.82
N LEU C 155 -25.38 -4.29 -32.35
CA LEU C 155 -26.69 -4.94 -32.15
C LEU C 155 -26.86 -6.22 -32.96
N ASP C 156 -25.97 -6.40 -33.93
CA ASP C 156 -26.03 -7.52 -34.86
C ASP C 156 -25.12 -8.69 -34.51
N TYR C 157 -24.09 -8.43 -33.71
CA TYR C 157 -23.10 -9.46 -33.33
C TYR C 157 -23.77 -10.69 -32.69
N ARG C 158 -23.50 -11.87 -33.27
CA ARG C 158 -23.99 -13.14 -32.74
C ARG C 158 -22.95 -13.75 -31.83
N PRO C 159 -23.22 -13.73 -30.51
CA PRO C 159 -22.21 -14.24 -29.56
C PRO C 159 -21.94 -15.73 -29.74
N ALA C 160 -20.68 -16.11 -29.52
CA ALA C 160 -20.25 -17.51 -29.50
C ALA C 160 -20.94 -18.25 -28.36
N LEU C 161 -21.43 -17.47 -27.40
CA LEU C 161 -22.21 -17.99 -26.28
C LEU C 161 -23.20 -16.91 -25.81
N PRO C 162 -24.52 -17.11 -26.02
CA PRO C 162 -25.52 -16.17 -25.53
C PRO C 162 -25.64 -16.18 -24.02
N ARG C 163 -26.02 -15.02 -23.47
CA ARG C 163 -26.09 -14.76 -22.01
C ARG C 163 -26.74 -15.86 -21.16
N CYS C 164 -27.90 -16.34 -21.61
CA CYS C 164 -28.65 -17.34 -20.87
C CYS C 164 -28.00 -18.74 -20.94
N SER C 165 -27.02 -18.89 -21.83
CA SER C 165 -26.30 -20.17 -21.96
C SER C 165 -25.22 -20.35 -20.88
N LEU C 166 -24.91 -19.27 -20.15
CA LEU C 166 -23.96 -19.33 -19.04
C LEU C 166 -24.51 -20.11 -17.86
N MET C 167 -23.84 -21.20 -17.52
CA MET C 167 -24.29 -22.10 -16.47
C MET C 167 -23.72 -21.70 -15.12
N PRO C 168 -24.59 -21.26 -14.20
CA PRO C 168 -24.18 -20.71 -12.90
C PRO C 168 -23.51 -21.73 -11.98
N ALA C 169 -22.97 -22.81 -12.57
CA ALA C 169 -22.33 -23.87 -11.82
C ALA C 169 -21.27 -24.55 -12.68
N GLU C 170 -20.76 -23.82 -13.66
CA GLU C 170 -19.74 -24.37 -14.55
C GLU C 170 -18.48 -24.73 -13.75
N SER C 171 -17.85 -25.82 -14.16
CA SER C 171 -16.59 -26.25 -13.57
C SER C 171 -15.43 -25.43 -14.16
N TYR C 172 -14.27 -25.54 -13.53
CA TYR C 172 -13.08 -24.92 -14.08
C TYR C 172 -12.86 -25.37 -15.53
N ASP C 173 -13.02 -26.66 -15.79
CA ASP C 173 -12.75 -27.21 -17.11
C ASP C 173 -13.75 -26.73 -18.15
N GLN C 174 -14.99 -26.49 -17.72
CA GLN C 174 -16.04 -26.03 -18.62
C GLN C 174 -15.78 -24.58 -18.97
N TYR C 175 -15.38 -23.82 -17.96
CA TYR C 175 -14.99 -22.43 -18.12
C TYR C 175 -13.88 -22.26 -19.16
N VAL C 176 -12.76 -22.95 -18.97
CA VAL C 176 -11.64 -22.84 -19.91
C VAL C 176 -11.99 -23.33 -21.33
N GLU C 177 -12.90 -24.30 -21.42
CA GLU C 177 -13.35 -24.79 -22.73
C GLU C 177 -14.23 -23.75 -23.43
N ARG C 178 -15.21 -23.20 -22.71
CA ARG C 178 -16.05 -22.14 -23.27
C ARG C 178 -15.22 -20.93 -23.70
N CYS C 179 -14.19 -20.60 -22.92
CA CYS C 179 -13.27 -19.54 -23.28
C CYS C 179 -12.52 -19.88 -24.57
N ALA C 180 -12.04 -21.11 -24.68
CA ALA C 180 -11.35 -21.53 -25.89
C ALA C 180 -12.29 -21.51 -27.09
N VAL C 181 -13.53 -21.94 -26.87
CA VAL C 181 -14.54 -21.95 -27.92
C VAL C 181 -14.84 -20.52 -28.37
N SER C 182 -14.91 -19.62 -27.40
CA SER C 182 -15.21 -18.22 -27.70
C SER C 182 -14.07 -17.55 -28.44
N MET C 183 -12.84 -17.80 -27.98
CA MET C 183 -11.67 -17.27 -28.65
C MET C 183 -11.60 -17.76 -30.08
N GLY C 184 -11.91 -19.04 -30.24
CA GLY C 184 -12.07 -19.68 -31.55
C GLY C 184 -12.90 -18.83 -32.49
N GLN C 185 -14.17 -18.65 -32.16
CA GLN C 185 -15.05 -17.85 -33.01
C GLN C 185 -14.50 -16.43 -33.25
N ILE C 186 -13.96 -15.79 -32.22
CA ILE C 186 -13.48 -14.41 -32.35
C ILE C 186 -12.35 -14.34 -33.37
N ILE C 187 -11.38 -15.24 -33.22
CA ILE C 187 -10.25 -15.29 -34.13
C ILE C 187 -10.69 -15.54 -35.58
N ASN C 188 -11.85 -16.19 -35.76
CA ASN C 188 -12.41 -16.46 -37.09
C ASN C 188 -13.45 -15.45 -37.56
N THR C 189 -13.77 -14.47 -36.71
CA THR C 189 -14.60 -13.35 -37.12
C THR C 189 -13.73 -12.43 -37.98
N CYS C 190 -13.80 -12.64 -39.29
CA CYS C 190 -12.92 -11.99 -40.30
C CYS C 190 -11.40 -12.00 -39.97
N PRO C 191 -10.76 -13.18 -40.12
CA PRO C 191 -9.32 -13.31 -39.86
C PRO C 191 -8.51 -12.79 -41.05
N GLN C 192 -8.35 -11.48 -41.14
CA GLN C 192 -7.64 -10.89 -42.28
C GLN C 192 -6.94 -9.60 -41.89
N ASP C 193 -7.73 -8.61 -41.45
CA ASP C 193 -7.22 -7.33 -40.99
C ASP C 193 -5.94 -7.49 -40.20
N MET C 194 -4.95 -6.66 -40.53
CA MET C 194 -3.63 -6.73 -39.89
C MET C 194 -3.54 -5.84 -38.65
N GLY C 195 -4.65 -5.72 -37.92
CA GLY C 195 -4.69 -4.86 -36.74
C GLY C 195 -4.86 -5.60 -35.44
N ILE C 196 -4.99 -4.83 -34.36
CA ILE C 196 -5.14 -5.36 -33.02
C ILE C 196 -6.60 -5.46 -32.64
N THR C 197 -6.98 -6.59 -32.05
CA THR C 197 -8.32 -6.74 -31.51
C THR C 197 -8.24 -6.70 -29.97
N LEU C 198 -9.15 -5.94 -29.38
CA LEU C 198 -9.20 -5.78 -27.93
C LEU C 198 -10.19 -6.77 -27.34
N ILE C 199 -9.75 -7.52 -26.34
CA ILE C 199 -10.65 -8.33 -25.54
C ILE C 199 -10.69 -7.75 -24.12
N VAL C 200 -11.73 -6.99 -23.82
CA VAL C 200 -11.84 -6.34 -22.53
C VAL C 200 -12.62 -7.27 -21.63
N SER C 201 -11.96 -7.84 -20.63
CA SER C 201 -12.54 -8.92 -19.87
C SER C 201 -12.05 -8.86 -18.42
N HIS C 202 -11.94 -10.01 -17.76
CA HIS C 202 -11.57 -10.08 -16.37
C HIS C 202 -10.15 -10.69 -16.18
N SER C 203 -9.67 -10.66 -14.94
CA SER C 203 -8.38 -11.19 -14.58
C SER C 203 -8.11 -12.57 -15.17
N SER C 204 -9.02 -13.50 -14.90
CA SER C 204 -8.92 -14.84 -15.40
C SER C 204 -8.73 -14.91 -16.91
N ALA C 205 -9.29 -13.95 -17.64
CA ALA C 205 -9.21 -14.00 -19.12
C ALA C 205 -7.79 -13.87 -19.65
N LEU C 206 -6.93 -13.15 -18.92
CA LEU C 206 -5.52 -13.01 -19.35
C LEU C 206 -4.80 -14.36 -19.49
N ASP C 207 -5.34 -15.37 -18.84
CA ASP C 207 -4.79 -16.71 -18.94
C ASP C 207 -5.69 -17.60 -19.82
N SER C 208 -6.99 -17.59 -19.53
CA SER C 208 -7.99 -18.43 -20.19
C SER C 208 -8.34 -18.03 -21.62
N CYS C 209 -7.93 -16.84 -22.03
CA CYS C 209 -8.18 -16.44 -23.42
C CYS C 209 -6.91 -16.38 -24.25
N THR C 210 -5.75 -16.65 -23.64
CA THR C 210 -4.53 -16.61 -24.41
C THR C 210 -3.92 -18.02 -24.57
N ARG C 211 -3.97 -18.82 -23.50
CA ARG C 211 -3.47 -20.18 -23.56
C ARG C 211 -3.95 -20.96 -24.77
N PRO C 212 -5.30 -20.95 -25.05
CA PRO C 212 -5.75 -21.63 -26.27
C PRO C 212 -5.06 -21.16 -27.54
N LEU C 213 -4.94 -19.85 -27.74
CA LEU C 213 -4.24 -19.30 -28.90
C LEU C 213 -2.81 -19.81 -28.97
N LEU C 214 -2.16 -19.86 -27.82
CA LEU C 214 -0.79 -20.31 -27.74
C LEU C 214 -0.63 -21.83 -27.87
N GLY C 215 -1.75 -22.53 -28.06
CA GLY C 215 -1.80 -24.01 -28.10
C GLY C 215 -1.34 -24.69 -26.82
N LEU C 216 -1.45 -23.99 -25.70
CA LEU C 216 -1.08 -24.55 -24.39
C LEU C 216 -2.30 -25.19 -23.73
N PRO C 217 -2.06 -26.24 -22.93
CA PRO C 217 -3.15 -26.81 -22.13
C PRO C 217 -3.50 -25.88 -20.96
N PRO C 218 -4.75 -25.95 -20.47
CA PRO C 218 -5.15 -25.14 -19.31
C PRO C 218 -4.19 -25.36 -18.13
N ARG C 219 -3.88 -24.29 -17.41
CA ARG C 219 -3.11 -24.38 -16.17
C ARG C 219 -3.87 -25.24 -15.18
N GLU C 220 -3.14 -25.85 -14.25
CA GLU C 220 -3.77 -26.52 -13.12
C GLU C 220 -4.60 -25.49 -12.36
N CYS C 221 -5.82 -25.88 -11.95
CA CYS C 221 -6.80 -24.98 -11.34
C CYS C 221 -6.25 -24.08 -10.21
N GLY C 222 -5.53 -24.70 -9.27
CA GLY C 222 -4.87 -23.98 -8.20
C GLY C 222 -3.83 -23.01 -8.71
N ASP C 223 -2.99 -23.49 -9.62
CA ASP C 223 -1.97 -22.65 -10.29
C ASP C 223 -2.57 -21.42 -10.99
N PHE C 224 -3.78 -21.60 -11.54
CA PHE C 224 -4.52 -20.58 -12.28
C PHE C 224 -5.07 -19.46 -11.40
N ALA C 225 -5.71 -19.84 -10.29
CA ALA C 225 -6.35 -18.87 -9.39
C ALA C 225 -5.29 -18.01 -8.73
N GLN C 226 -4.18 -18.69 -8.37
CA GLN C 226 -2.99 -18.08 -7.80
C GLN C 226 -2.38 -16.98 -8.66
N LEU C 227 -2.38 -17.19 -9.98
CA LEU C 227 -1.84 -16.20 -10.91
C LEU C 227 -2.78 -15.07 -11.21
N VAL C 228 -4.08 -15.34 -11.26
CA VAL C 228 -5.05 -14.31 -11.70
C VAL C 228 -5.46 -13.28 -10.62
N ARG C 229 -5.14 -13.54 -9.37
CA ARG C 229 -5.35 -12.52 -8.33
C ARG C 229 -4.28 -11.40 -8.42
N LYS C 230 -3.16 -11.71 -9.08
CA LYS C 230 -2.02 -10.80 -9.15
C LYS C 230 -2.17 -9.79 -10.27
N ILE C 231 -3.27 -9.87 -11.00
CA ILE C 231 -3.47 -9.01 -12.15
C ILE C 231 -4.14 -7.70 -11.74
N PRO C 232 -3.52 -6.57 -12.10
CA PRO C 232 -4.05 -5.26 -11.76
C PRO C 232 -5.03 -4.72 -12.81
N SER C 233 -5.75 -3.67 -12.44
CA SER C 233 -6.64 -2.99 -13.35
C SER C 233 -5.90 -2.52 -14.61
N LEU C 234 -6.58 -2.69 -15.77
CA LEU C 234 -5.99 -2.47 -17.09
C LEU C 234 -4.77 -3.35 -17.40
N GLY C 235 -4.52 -4.35 -16.55
CA GLY C 235 -3.47 -5.35 -16.80
C GLY C 235 -3.70 -5.99 -18.17
N MET C 236 -2.61 -6.16 -18.91
CA MET C 236 -2.68 -6.64 -20.27
C MET C 236 -1.88 -7.89 -20.59
N CYS C 237 -2.38 -8.63 -21.56
CA CYS C 237 -1.66 -9.76 -22.09
C CYS C 237 -1.77 -9.74 -23.62
N PHE C 238 -0.63 -9.64 -24.31
CA PHE C 238 -0.62 -9.47 -25.77
C PHE C 238 -0.17 -10.72 -26.57
N CYS C 239 -0.97 -11.10 -27.58
CA CYS C 239 -0.61 -12.21 -28.49
C CYS C 239 -0.55 -11.81 -29.94
N GLU C 240 0.49 -12.23 -30.63
CA GLU C 240 0.59 -12.00 -32.10
C GLU C 240 0.53 -13.26 -32.91
N GLU C 241 -0.03 -13.14 -34.11
CA GLU C 241 -0.07 -14.27 -35.04
C GLU C 241 1.08 -14.24 -36.06
N ASN C 242 1.82 -15.35 -36.12
CA ASN C 242 2.87 -15.50 -37.13
C ASN C 242 2.29 -15.79 -38.52
N ARG C 243 2.77 -15.05 -39.52
CA ARG C 243 2.29 -15.17 -40.91
C ARG C 243 2.24 -16.64 -41.35
N GLU C 244 3.41 -17.23 -41.51
CA GLU C 244 3.53 -18.55 -42.09
C GLU C 244 3.14 -19.65 -41.11
N ASP C 245 3.73 -19.60 -39.92
CA ASP C 245 3.55 -20.66 -38.91
C ASP C 245 2.13 -20.67 -38.37
N GLY C 246 1.44 -19.53 -38.51
CA GLY C 246 0.04 -19.43 -38.10
C GLY C 246 -0.11 -19.60 -36.61
N LYS C 247 1.00 -19.94 -35.95
CA LYS C 247 1.07 -20.04 -34.49
C LYS C 247 0.94 -18.67 -33.86
N TRP C 248 0.55 -18.66 -32.59
CA TRP C 248 0.45 -17.41 -31.83
C TRP C 248 1.58 -17.26 -30.83
N ASP C 249 2.16 -16.06 -30.77
CA ASP C 249 3.24 -15.78 -29.84
C ASP C 249 2.87 -14.75 -28.80
N LEU C 250 3.18 -15.08 -27.55
CA LEU C 250 3.02 -14.17 -26.43
C LEU C 250 4.11 -13.11 -26.47
N VAL C 251 3.71 -11.85 -26.58
CA VAL C 251 4.68 -10.75 -26.67
C VAL C 251 4.35 -9.58 -25.74
N ASN C 252 5.30 -8.63 -25.65
CA ASN C 252 5.12 -7.41 -24.88
C ASN C 252 3.91 -6.62 -25.32
N PRO C 253 3.08 -6.20 -24.35
CA PRO C 253 1.97 -5.37 -24.69
C PRO C 253 2.48 -4.05 -25.26
N PRO C 254 1.71 -3.46 -26.18
CA PRO C 254 2.09 -2.20 -26.85
C PRO C 254 2.04 -0.94 -25.95
N VAL C 255 1.48 -1.02 -24.74
CA VAL C 255 1.55 0.09 -23.77
C VAL C 255 2.16 -0.27 -22.41
N LYS C 256 2.77 0.72 -21.79
CA LYS C 256 3.39 0.50 -20.51
C LYS C 256 2.39 0.10 -19.40
N THR C 257 2.95 -0.40 -18.31
CA THR C 257 2.12 -0.73 -17.15
C THR C 257 1.64 0.55 -16.41
N LEU C 258 0.61 0.43 -15.59
CA LEU C 258 0.14 1.59 -14.82
C LEU C 258 0.26 1.39 -13.31
N THR C 259 1.20 2.07 -12.67
CA THR C 259 1.45 1.88 -11.22
C THR C 259 1.11 3.16 -10.47
N HIS C 260 0.22 3.10 -9.45
CA HIS C 260 -0.06 4.26 -8.61
C HIS C 260 -0.59 3.85 -7.22
N GLY C 261 -0.51 4.77 -6.25
CA GLY C 261 -0.81 4.47 -4.86
C GLY C 261 -2.26 4.58 -4.55
N ALA C 262 -2.63 4.12 -3.36
CA ALA C 262 -4.02 4.28 -2.93
C ALA C 262 -4.27 5.72 -2.45
N ASN C 263 -5.52 6.03 -2.14
CA ASN C 263 -5.80 7.22 -1.44
C ASN C 263 -6.80 6.88 -0.33
N SER C 264 -6.35 6.97 0.94
CA SER C 264 -7.16 6.47 2.06
C SER C 264 -8.18 7.49 2.52
N VAL C 265 -9.26 7.02 3.12
CA VAL C 265 -10.31 7.92 3.60
C VAL C 265 -9.77 8.93 4.61
N PHE C 266 -10.24 10.17 4.50
CA PHE C 266 -9.81 11.24 5.40
C PHE C 266 -11.03 11.95 6.00
N ASN C 267 -10.83 12.58 7.15
CA ASN C 267 -11.85 13.43 7.76
C ASN C 267 -11.23 14.43 8.74
N TRP C 268 -11.41 15.69 8.37
CA TRP C 268 -11.06 16.87 9.15
C TRP C 268 -11.58 16.91 10.61
N ARG C 269 -12.56 16.07 10.96
CA ARG C 269 -13.02 15.92 12.36
C ARG C 269 -12.10 14.98 13.13
N ASN C 270 -11.75 13.85 12.50
CA ASN C 270 -10.69 12.96 12.94
C ASN C 270 -9.32 13.67 12.90
N TRP C 271 -9.30 14.93 13.34
CA TRP C 271 -8.06 15.64 13.71
C TRP C 271 -7.63 14.91 14.96
N ILE C 272 -8.11 15.40 16.11
CA ILE C 272 -8.02 14.65 17.37
C ILE C 272 -9.12 13.61 17.34
N SER D 8 31.56 -27.69 -2.32
CA SER D 8 31.76 -26.62 -1.29
C SER D 8 32.51 -25.37 -1.80
N ARG D 9 31.81 -24.52 -2.57
CA ARG D 9 32.36 -23.32 -3.20
C ARG D 9 32.39 -22.06 -2.30
N ARG D 10 33.03 -21.01 -2.79
CA ARG D 10 33.09 -19.72 -2.10
C ARG D 10 32.00 -18.84 -2.66
N GLY D 11 31.23 -18.19 -1.79
CA GLY D 11 30.10 -17.37 -2.21
C GLY D 11 30.01 -15.96 -1.66
N ILE D 12 29.39 -15.07 -2.43
CA ILE D 12 29.06 -13.71 -1.97
C ILE D 12 27.54 -13.54 -1.93
N LEU D 13 27.01 -13.16 -0.77
CA LEU D 13 25.58 -12.93 -0.64
C LEU D 13 25.30 -11.47 -0.35
N VAL D 14 24.75 -10.76 -1.33
CA VAL D 14 24.41 -9.37 -1.11
C VAL D 14 22.99 -9.31 -0.58
N ILE D 15 22.80 -8.60 0.54
CA ILE D 15 21.50 -8.49 1.22
C ILE D 15 21.09 -7.05 1.46
N ARG D 16 19.88 -6.67 1.07
CA ARG D 16 19.39 -5.33 1.34
C ARG D 16 18.95 -5.20 2.81
N HIS D 17 19.12 -4.04 3.42
CA HIS D 17 18.71 -3.82 4.81
C HIS D 17 17.20 -4.01 4.99
N GLY D 18 16.77 -4.15 6.25
CA GLY D 18 15.34 -4.25 6.60
C GLY D 18 14.58 -2.94 6.47
N GLU D 19 13.27 -2.98 6.61
CA GLU D 19 12.45 -1.75 6.63
C GLU D 19 13.03 -0.61 7.52
N ARG D 20 13.12 0.60 6.97
CA ARG D 20 13.62 1.73 7.75
C ARG D 20 12.47 2.60 8.22
N VAL D 21 12.59 3.25 9.39
CA VAL D 21 11.38 3.92 9.91
C VAL D 21 10.82 4.93 8.97
N ASP D 22 11.71 5.68 8.33
CA ASP D 22 11.24 6.76 7.47
C ASP D 22 10.48 6.27 6.24
N GLN D 23 10.72 5.03 5.81
CA GLN D 23 9.96 4.38 4.73
C GLN D 23 8.46 4.30 5.15
N VAL D 24 8.20 4.26 6.46
CA VAL D 24 6.82 4.10 6.93
C VAL D 24 6.19 5.42 7.39
N PHE D 25 6.98 6.22 8.12
CA PHE D 25 6.42 7.42 8.73
C PHE D 25 6.82 8.72 8.02
N GLY D 26 7.65 8.62 6.98
CA GLY D 26 8.05 9.78 6.19
C GLY D 26 9.21 10.59 6.76
N LYS D 27 9.61 11.65 6.06
CA LYS D 27 10.72 12.53 6.49
C LYS D 27 10.47 13.17 7.87
N SER D 28 9.20 13.40 8.16
CA SER D 28 8.79 13.94 9.44
C SER D 28 8.97 12.96 10.63
N TRP D 29 9.37 11.72 10.35
CA TRP D 29 9.41 10.69 11.39
C TRP D 29 10.13 11.16 12.67
N LEU D 30 11.26 11.84 12.50
CA LEU D 30 12.04 12.28 13.64
C LEU D 30 11.25 13.25 14.54
N GLN D 31 10.44 14.10 13.94
CA GLN D 31 9.60 15.05 14.68
C GLN D 31 8.45 14.37 15.41
N GLN D 32 7.97 13.28 14.84
CA GLN D 32 6.86 12.52 15.41
C GLN D 32 7.24 11.78 16.68
N CYS D 33 8.53 11.54 16.86
CA CYS D 33 9.01 10.69 17.94
C CYS D 33 9.94 11.41 18.92
N THR D 34 10.16 12.70 18.65
CA THR D 34 10.86 13.59 19.56
C THR D 34 9.91 14.43 20.40
N THR D 35 10.03 14.28 21.71
CA THR D 35 9.18 15.01 22.68
C THR D 35 9.46 16.52 22.71
N ALA D 36 8.48 17.31 23.18
CA ALA D 36 8.70 18.75 23.44
C ALA D 36 10.09 18.97 24.11
N ASP D 37 10.28 18.26 25.21
CA ASP D 37 11.56 17.92 25.89
C ASP D 37 12.85 17.68 25.05
N GLY D 38 12.70 17.29 23.79
CA GLY D 38 13.85 16.86 22.99
C GLY D 38 14.21 15.40 23.20
N LYS D 39 13.35 14.63 23.86
CA LYS D 39 13.60 13.20 24.07
C LYS D 39 12.83 12.33 23.09
N TYR D 40 13.22 11.06 23.02
CA TYR D 40 12.62 10.09 22.12
C TYR D 40 11.51 9.30 22.80
N TYR D 41 10.44 9.01 22.06
CA TYR D 41 9.34 8.16 22.57
C TYR D 41 8.72 7.43 21.38
N ARG D 42 7.96 6.36 21.63
CA ARG D 42 7.41 5.59 20.53
C ARG D 42 5.96 5.92 20.26
N PRO D 43 5.70 6.79 19.29
CA PRO D 43 4.29 7.11 19.05
C PRO D 43 3.50 5.96 18.36
N ASP D 44 4.20 4.89 17.99
CA ASP D 44 3.63 3.77 17.29
C ASP D 44 4.60 2.65 17.54
N LEU D 45 4.11 1.43 17.61
CA LEU D 45 4.96 0.35 18.00
C LEU D 45 6.02 0.06 16.95
N ASN D 46 5.86 0.58 15.75
CA ASN D 46 6.81 0.24 14.74
C ASN D 46 8.10 1.02 14.86
N PHE D 47 8.06 2.12 15.61
CA PHE D 47 9.30 2.79 15.98
C PHE D 47 9.98 1.83 16.90
N PRO D 48 11.31 1.77 16.86
CA PRO D 48 12.08 0.85 17.71
C PRO D 48 12.00 1.15 19.22
N ARG D 49 12.28 0.14 20.05
CA ARG D 49 12.36 0.30 21.53
C ARG D 49 13.21 1.49 21.97
N SER D 50 14.39 1.65 21.35
CA SER D 50 15.28 2.79 21.63
C SER D 50 16.21 3.09 20.47
N LEU D 51 16.79 4.29 20.50
CA LEU D 51 17.80 4.69 19.55
C LEU D 51 19.17 4.51 20.19
N PRO D 52 20.18 4.17 19.40
CA PRO D 52 21.52 4.08 19.96
C PRO D 52 22.10 5.43 20.39
N ARG D 53 23.11 5.42 21.26
CA ARG D 53 23.80 6.65 21.68
C ARG D 53 24.54 7.37 20.53
N ARG D 54 24.22 8.65 20.33
CA ARG D 54 24.74 9.36 19.16
C ARG D 54 25.25 10.77 19.45
N SER D 55 26.41 11.07 18.87
CA SER D 55 26.97 12.42 18.88
C SER D 55 25.94 13.40 18.39
N ASN D 56 25.95 14.55 19.04
CA ASN D 56 25.07 15.62 18.64
C ASN D 56 23.63 15.21 18.96
N GLY D 57 23.47 14.54 20.10
CA GLY D 57 22.17 14.05 20.52
C GLY D 57 21.49 13.23 19.43
N ILE D 58 20.28 13.63 19.09
CA ILE D 58 19.38 12.79 18.29
C ILE D 58 19.05 13.36 16.88
N LYS D 59 19.55 14.56 16.56
CA LYS D 59 19.27 15.25 15.29
C LYS D 59 19.84 14.55 14.05
N ASP D 60 20.85 13.70 14.25
CA ASP D 60 21.57 13.08 13.14
C ASP D 60 20.86 11.88 12.50
N PHE D 61 19.90 11.30 13.21
CA PHE D 61 19.17 10.17 12.70
C PHE D 61 18.34 10.56 11.51
N GLU D 62 18.08 11.85 11.37
CA GLU D 62 17.23 12.34 10.30
C GLU D 62 17.71 11.83 8.94
N ASN D 63 19.02 11.91 8.73
CA ASN D 63 19.60 11.53 7.46
C ASN D 63 20.17 10.13 7.49
N ASP D 64 20.17 9.49 8.67
CA ASP D 64 20.69 8.16 8.85
C ASP D 64 19.74 7.43 9.79
N PRO D 65 18.54 7.05 9.29
CA PRO D 65 17.48 6.49 10.12
C PRO D 65 17.71 5.02 10.53
N PRO D 66 17.05 4.58 11.61
CA PRO D 66 17.17 3.18 12.10
C PRO D 66 16.18 2.20 11.48
N LEU D 67 16.34 0.93 11.84
CA LEU D 67 15.37 -0.08 11.40
C LEU D 67 14.08 0.14 12.17
N SER D 68 12.94 -0.12 11.55
CA SER D 68 11.66 -0.11 12.26
C SER D 68 11.58 -1.41 12.99
N SER D 69 10.54 -1.62 13.77
CA SER D 69 10.44 -2.90 14.51
C SER D 69 10.32 -3.98 13.47
N CYS D 70 9.48 -3.74 12.45
CA CYS D 70 9.31 -4.67 11.36
C CYS D 70 10.67 -5.00 10.71
N GLY D 71 11.45 -3.96 10.38
CA GLY D 71 12.82 -4.11 9.85
C GLY D 71 13.52 -5.16 10.71
N ILE D 72 13.44 -5.00 12.03
CA ILE D 72 14.20 -5.89 12.92
C ILE D 72 13.69 -7.28 12.72
N PHE D 73 12.37 -7.40 12.70
CA PHE D 73 11.76 -8.70 12.53
C PHE D 73 12.27 -9.38 11.27
N GLN D 74 12.26 -8.61 10.20
CA GLN D 74 12.73 -9.09 8.93
C GLN D 74 14.19 -9.53 8.99
N ALA D 75 15.06 -8.72 9.58
CA ALA D 75 16.45 -9.12 9.58
C ALA D 75 16.58 -10.44 10.40
N ARG D 76 15.88 -10.53 11.53
CA ARG D 76 15.98 -11.70 12.40
C ARG D 76 15.49 -12.92 11.64
N LEU D 77 14.38 -12.74 10.93
CA LEU D 77 13.75 -13.86 10.26
C LEU D 77 14.68 -14.47 9.21
N ALA D 78 15.41 -13.61 8.50
CA ALA D 78 16.39 -14.06 7.53
C ALA D 78 17.59 -14.73 8.23
N GLY D 79 18.10 -14.09 9.30
CA GLY D 79 19.22 -14.64 10.05
C GLY D 79 18.92 -16.07 10.42
N GLU D 80 17.76 -16.27 11.05
CA GLU D 80 17.24 -17.57 11.42
C GLU D 80 17.22 -18.50 10.23
N ALA D 81 16.85 -17.97 9.06
CA ALA D 81 16.72 -18.82 7.89
C ALA D 81 18.10 -19.33 7.42
N LEU D 82 19.10 -18.45 7.50
CA LEU D 82 20.48 -18.81 7.22
C LEU D 82 21.03 -19.85 8.22
N LEU D 83 20.73 -19.70 9.51
CA LEU D 83 21.11 -20.72 10.45
C LEU D 83 20.51 -22.03 9.95
N ASP D 84 19.20 -22.05 9.73
CA ASP D 84 18.48 -23.25 9.34
C ASP D 84 18.96 -23.86 8.06
N SER D 85 19.39 -23.02 7.12
CA SER D 85 19.87 -23.53 5.84
C SER D 85 21.15 -24.36 5.98
N GLY D 86 21.85 -24.20 7.10
CA GLY D 86 23.05 -24.96 7.39
C GLY D 86 24.32 -24.39 6.79
N VAL D 87 24.19 -23.36 5.96
CA VAL D 87 25.34 -22.73 5.32
C VAL D 87 26.34 -22.14 6.31
N ARG D 88 27.57 -21.97 5.82
CA ARG D 88 28.66 -21.51 6.64
C ARG D 88 28.98 -20.06 6.27
N VAL D 89 28.77 -19.16 7.21
CA VAL D 89 29.09 -17.76 6.99
C VAL D 89 30.45 -17.48 7.63
N THR D 90 31.32 -16.83 6.87
CA THR D 90 32.68 -16.65 7.33
C THR D 90 33.06 -15.18 7.54
N ALA D 91 32.25 -14.27 7.01
CA ALA D 91 32.57 -12.84 7.11
C ALA D 91 31.35 -12.01 6.83
N VAL D 92 31.29 -10.81 7.40
CA VAL D 92 30.23 -9.84 7.04
C VAL D 92 30.79 -8.44 6.84
N PHE D 93 30.42 -7.82 5.73
CA PHE D 93 30.72 -6.42 5.50
C PHE D 93 29.42 -5.68 5.43
N ALA D 94 29.42 -4.43 5.86
CA ALA D 94 28.21 -3.63 5.83
C ALA D 94 28.45 -2.17 5.45
N SER D 95 27.47 -1.56 4.81
CA SER D 95 27.48 -0.14 4.52
C SER D 95 27.50 0.59 5.84
N PRO D 96 28.10 1.79 5.89
CA PRO D 96 28.14 2.47 7.17
C PRO D 96 26.74 2.94 7.63
N ALA D 97 25.73 2.87 6.77
CA ALA D 97 24.41 3.40 7.17
C ALA D 97 23.84 2.56 8.30
N LEU D 98 23.30 3.25 9.31
CA LEU D 98 22.83 2.56 10.51
C LEU D 98 21.80 1.46 10.21
N ARG D 99 20.95 1.65 9.22
CA ARG D 99 20.04 0.57 8.86
C ARG D 99 20.79 -0.71 8.45
N CYS D 100 21.93 -0.51 7.74
CA CYS D 100 22.69 -1.66 7.24
C CYS D 100 23.40 -2.35 8.37
N VAL D 101 24.06 -1.57 9.21
CA VAL D 101 24.84 -2.15 10.31
C VAL D 101 23.87 -2.88 11.25
N GLN D 102 22.69 -2.29 11.47
CA GLN D 102 21.70 -2.91 12.37
C GLN D 102 21.27 -4.24 11.77
N THR D 103 21.03 -4.23 10.45
CA THR D 103 20.59 -5.43 9.79
C THR D 103 21.63 -6.51 9.94
N ALA D 104 22.90 -6.15 9.73
CA ALA D 104 24.01 -7.08 9.87
C ALA D 104 24.01 -7.64 11.28
N LYS D 105 23.78 -6.78 12.27
CA LYS D 105 23.81 -7.24 13.64
C LYS D 105 22.79 -8.35 13.90
N HIS D 106 21.53 -8.07 13.58
CA HIS D 106 20.46 -9.00 13.87
C HIS D 106 20.63 -10.30 13.12
N ILE D 107 21.08 -10.24 11.86
CA ILE D 107 21.35 -11.47 11.14
C ILE D 107 22.33 -12.36 11.92
N LEU D 108 23.42 -11.75 12.39
CA LEU D 108 24.42 -12.50 13.14
C LEU D 108 23.87 -13.05 14.44
N GLU D 109 23.08 -12.26 15.15
CA GLU D 109 22.53 -12.73 16.41
C GLU D 109 21.70 -13.97 16.18
N GLU D 110 21.02 -14.05 15.05
CA GLU D 110 20.17 -15.21 14.82
C GLU D 110 20.99 -16.37 14.33
N LEU D 111 22.17 -16.05 13.82
CA LEU D 111 23.10 -17.03 13.30
C LEU D 111 23.94 -17.55 14.45
N LYS D 112 23.87 -16.82 15.58
CA LYS D 112 24.69 -17.09 16.77
C LYS D 112 26.18 -16.85 16.55
N LEU D 113 26.50 -15.76 15.85
CA LEU D 113 27.87 -15.45 15.53
C LEU D 113 28.23 -14.00 15.83
N GLU D 114 27.34 -13.28 16.49
CA GLU D 114 27.58 -11.87 16.84
C GLU D 114 28.88 -11.63 17.56
N LYS D 115 29.34 -12.67 18.28
CA LYS D 115 30.57 -12.64 19.06
C LYS D 115 31.71 -13.16 18.23
N LYS D 116 31.48 -14.30 17.58
CA LYS D 116 32.48 -14.94 16.73
C LYS D 116 32.95 -14.08 15.54
N LEU D 117 32.03 -13.45 14.81
CA LEU D 117 32.39 -12.58 13.65
C LEU D 117 32.23 -11.11 13.94
N LYS D 118 33.12 -10.31 13.40
CA LYS D 118 33.09 -8.86 13.62
C LYS D 118 32.61 -8.17 12.34
N ILE D 119 31.80 -7.15 12.49
CA ILE D 119 31.23 -6.49 11.33
C ILE D 119 32.29 -5.56 10.75
N ARG D 120 32.58 -5.70 9.47
CA ARG D 120 33.52 -4.79 8.79
C ARG D 120 32.78 -3.72 8.03
N VAL D 121 32.86 -2.49 8.48
CA VAL D 121 32.07 -1.41 7.91
C VAL D 121 32.82 -0.84 6.72
N GLU D 122 32.19 -0.84 5.55
CA GLU D 122 32.88 -0.53 4.32
C GLU D 122 32.17 0.60 3.56
N PRO D 123 32.55 1.85 3.78
CA PRO D 123 31.88 2.95 3.08
C PRO D 123 31.83 2.82 1.57
N GLY D 124 32.77 2.09 0.98
CA GLY D 124 32.72 1.77 -0.45
C GLY D 124 31.45 1.07 -0.94
N ILE D 125 30.66 0.49 -0.05
CA ILE D 125 29.45 -0.14 -0.49
C ILE D 125 28.27 0.65 -0.01
N PHE D 126 28.50 1.91 0.35
CA PHE D 126 27.38 2.76 0.78
C PHE D 126 26.47 3.10 -0.39
N GLU D 127 25.28 3.61 -0.10
CA GLU D 127 24.28 4.01 -1.11
C GLU D 127 24.88 4.96 -2.11
N TRP D 128 24.39 4.96 -3.34
CA TRP D 128 24.78 5.98 -4.33
C TRP D 128 24.53 7.37 -3.77
N MET D 129 25.56 8.18 -3.68
CA MET D 129 25.47 9.49 -3.03
C MET D 129 24.32 10.32 -3.59
N LYS D 130 23.98 10.08 -4.84
CA LYS D 130 22.96 10.84 -5.54
C LYS D 130 21.64 10.77 -4.78
N TRP D 131 21.37 9.63 -4.17
CA TRP D 131 20.11 9.45 -3.47
C TRP D 131 20.20 9.69 -1.99
N GLU D 132 21.13 10.53 -1.59
CA GLU D 132 21.22 10.99 -0.22
C GLU D 132 21.33 12.53 -0.19
N ALA D 133 22.01 13.06 0.80
CA ALA D 133 21.90 14.49 1.05
C ALA D 133 23.23 15.19 1.29
N SER D 134 23.09 16.51 1.43
CA SER D 134 24.15 17.44 1.81
C SER D 134 25.25 16.80 2.67
N LYS D 135 24.96 16.73 3.98
CA LYS D 135 25.89 16.38 5.08
C LYS D 135 25.73 14.92 5.51
N ALA D 136 25.38 14.07 4.55
CA ALA D 136 25.09 12.65 4.78
C ALA D 136 26.34 11.81 5.10
N THR D 137 27.51 12.25 4.63
CA THR D 137 28.78 11.62 5.04
C THR D 137 29.34 12.18 6.34
N LEU D 138 28.58 13.13 6.92
CA LEU D 138 28.87 13.72 8.23
C LEU D 138 27.80 13.25 9.24
N THR D 139 27.08 12.22 8.87
CA THR D 139 25.97 11.87 9.67
C THR D 139 26.22 10.53 10.31
N PHE D 140 27.26 9.83 9.88
CA PHE D 140 27.44 8.44 10.32
C PHE D 140 27.86 8.28 11.76
N LEU D 141 27.57 7.10 12.29
CA LEU D 141 28.12 6.70 13.56
C LEU D 141 29.54 6.28 13.32
N THR D 142 30.38 6.52 14.32
CA THR D 142 31.78 6.11 14.28
C THR D 142 31.87 4.69 14.84
N LEU D 143 32.92 3.99 14.46
CA LEU D 143 33.15 2.65 14.96
C LEU D 143 33.04 2.63 16.46
N GLU D 144 33.63 3.64 17.11
CA GLU D 144 33.61 3.78 18.57
C GLU D 144 32.18 3.80 19.12
N GLU D 145 31.37 4.67 18.53
CA GLU D 145 29.96 4.79 18.87
C GLU D 145 29.20 3.48 18.66
N LEU D 146 29.54 2.76 17.59
CA LEU D 146 28.92 1.47 17.31
C LEU D 146 29.34 0.45 18.33
N LYS D 147 30.65 0.39 18.59
CA LYS D 147 31.22 -0.46 19.63
C LYS D 147 30.54 -0.21 20.96
N GLU D 148 30.34 1.06 21.29
CA GLU D 148 29.63 1.47 22.51
C GLU D 148 28.15 1.12 22.49
N ALA D 149 27.53 1.27 21.31
CA ALA D 149 26.12 0.88 21.13
C ALA D 149 25.97 -0.65 20.97
N ASN D 150 27.11 -1.35 21.08
CA ASN D 150 27.14 -2.80 21.21
C ASN D 150 27.04 -3.53 19.88
N PHE D 151 27.72 -2.97 18.88
CA PHE D 151 27.86 -3.61 17.58
C PHE D 151 29.27 -4.10 17.51
N ASN D 152 29.46 -5.41 17.45
CA ASN D 152 30.81 -5.97 17.43
C ASN D 152 31.51 -5.64 16.11
N VAL D 153 31.86 -4.37 15.92
CA VAL D 153 32.54 -3.93 14.70
C VAL D 153 34.06 -4.20 14.73
N ASP D 154 34.65 -4.36 13.55
CA ASP D 154 36.08 -4.59 13.43
C ASP D 154 36.77 -3.24 13.43
N LEU D 155 37.45 -2.92 14.53
CA LEU D 155 38.13 -1.63 14.71
C LEU D 155 39.41 -1.51 13.89
N ASP D 156 39.88 -2.64 13.38
CA ASP D 156 41.13 -2.71 12.64
C ASP D 156 40.95 -2.70 11.14
N TYR D 157 39.75 -3.05 10.65
CA TYR D 157 39.49 -3.13 9.20
C TYR D 157 39.82 -1.82 8.47
N ARG D 158 40.64 -1.90 7.42
CA ARG D 158 40.94 -0.73 6.60
C ARG D 158 40.02 -0.70 5.38
N PRO D 159 39.08 0.25 5.36
CA PRO D 159 38.11 0.30 4.28
C PRO D 159 38.75 0.59 2.93
N ALA D 160 38.20 -0.04 1.89
CA ALA D 160 38.58 0.22 0.51
C ALA D 160 38.29 1.66 0.14
N LEU D 161 37.45 2.30 0.93
CA LEU D 161 37.09 3.69 0.77
C LEU D 161 36.64 4.27 2.12
N PRO D 162 37.46 5.13 2.73
CA PRO D 162 37.10 5.76 3.99
C PRO D 162 35.95 6.72 3.84
N ARG D 163 35.18 6.88 4.92
CA ARG D 163 33.94 7.68 4.97
C ARG D 163 34.06 9.06 4.34
N CYS D 164 35.08 9.81 4.71
CA CYS D 164 35.23 11.15 4.20
C CYS D 164 35.59 11.19 2.70
N SER D 165 35.95 10.05 2.12
CA SER D 165 36.30 9.98 0.70
C SER D 165 35.07 9.95 -0.20
N LEU D 166 33.90 9.73 0.39
CA LEU D 166 32.63 9.71 -0.33
C LEU D 166 32.28 11.10 -0.83
N MET D 167 32.20 11.24 -2.15
CA MET D 167 31.92 12.52 -2.77
C MET D 167 30.43 12.76 -2.95
N PRO D 168 29.87 13.74 -2.22
CA PRO D 168 28.44 14.02 -2.21
C PRO D 168 27.90 14.52 -3.56
N ALA D 169 28.56 14.17 -4.64
CA ALA D 169 28.13 14.55 -5.98
C ALA D 169 28.61 13.54 -7.02
N GLU D 170 28.89 12.32 -6.56
CA GLU D 170 29.39 11.29 -7.46
C GLU D 170 28.41 11.02 -8.60
N SER D 171 28.94 10.71 -9.76
CA SER D 171 28.10 10.34 -10.88
C SER D 171 27.73 8.86 -10.80
N TYR D 172 26.77 8.47 -11.61
CA TYR D 172 26.45 7.05 -11.71
C TYR D 172 27.69 6.24 -12.01
N ASP D 173 28.52 6.70 -12.95
CA ASP D 173 29.72 5.94 -13.34
C ASP D 173 30.79 5.86 -12.27
N GLN D 174 30.90 6.92 -11.48
CA GLN D 174 31.81 6.92 -10.35
C GLN D 174 31.36 5.94 -9.28
N TYR D 175 30.05 5.99 -8.98
CA TYR D 175 29.41 5.08 -8.04
C TYR D 175 29.69 3.61 -8.36
N VAL D 176 29.42 3.20 -9.60
CA VAL D 176 29.61 1.81 -9.98
C VAL D 176 31.07 1.42 -9.98
N GLU D 177 31.95 2.37 -10.23
CA GLU D 177 33.38 2.09 -10.24
C GLU D 177 33.87 1.91 -8.82
N ARG D 178 33.48 2.82 -7.93
CA ARG D 178 33.83 2.69 -6.50
C ARG D 178 33.31 1.39 -5.90
N CYS D 179 32.12 0.97 -6.32
CA CYS D 179 31.58 -0.31 -5.89
C CYS D 179 32.41 -1.46 -6.44
N ALA D 180 32.83 -1.37 -7.69
CA ALA D 180 33.66 -2.43 -8.26
C ALA D 180 35.00 -2.50 -7.50
N VAL D 181 35.56 -1.33 -7.25
CA VAL D 181 36.83 -1.21 -6.53
C VAL D 181 36.72 -1.80 -5.12
N SER D 182 35.57 -1.57 -4.48
CA SER D 182 35.38 -2.06 -3.14
C SER D 182 35.17 -3.57 -3.16
N MET D 183 34.38 -4.05 -4.10
CA MET D 183 34.15 -5.48 -4.18
C MET D 183 35.45 -6.19 -4.41
N GLY D 184 36.28 -5.60 -5.29
CA GLY D 184 37.65 -6.06 -5.55
C GLY D 184 38.42 -6.31 -4.26
N GLN D 185 38.59 -5.26 -3.46
CA GLN D 185 39.32 -5.43 -2.20
C GLN D 185 38.70 -6.50 -1.31
N ILE D 186 37.37 -6.52 -1.21
CA ILE D 186 36.70 -7.48 -0.36
C ILE D 186 37.00 -8.91 -0.82
N ILE D 187 36.84 -9.16 -2.12
CA ILE D 187 37.10 -10.47 -2.69
C ILE D 187 38.55 -10.90 -2.40
N ASN D 188 39.46 -9.94 -2.30
CA ASN D 188 40.87 -10.24 -2.00
C ASN D 188 41.26 -10.16 -0.52
N THR D 189 40.31 -9.82 0.33
CA THR D 189 40.51 -9.92 1.77
C THR D 189 40.40 -11.39 2.16
N CYS D 190 41.57 -12.05 2.22
CA CYS D 190 41.74 -13.52 2.39
C CYS D 190 40.85 -14.42 1.49
N PRO D 191 41.19 -14.48 0.18
CA PRO D 191 40.43 -15.31 -0.76
C PRO D 191 40.80 -16.79 -0.62
N GLN D 192 40.23 -17.46 0.36
CA GLN D 192 40.58 -18.85 0.59
C GLN D 192 39.42 -19.63 1.21
N ASP D 193 38.96 -19.17 2.38
CA ASP D 193 37.86 -19.78 3.10
C ASP D 193 36.74 -20.17 2.14
N MET D 194 36.21 -21.38 2.32
CA MET D 194 35.18 -21.91 1.44
C MET D 194 33.76 -21.58 1.92
N GLY D 195 33.61 -20.40 2.52
CA GLY D 195 32.34 -19.99 3.09
C GLY D 195 31.66 -18.85 2.38
N ILE D 196 30.56 -18.41 2.98
CA ILE D 196 29.75 -17.30 2.47
C ILE D 196 30.11 -15.98 3.15
N THR D 197 30.25 -14.94 2.35
CA THR D 197 30.48 -13.61 2.88
C THR D 197 29.23 -12.74 2.65
N LEU D 198 28.81 -12.05 3.71
CA LEU D 198 27.60 -11.26 3.66
C LEU D 198 27.98 -9.83 3.33
N ILE D 199 27.26 -9.23 2.38
CA ILE D 199 27.45 -7.81 2.08
C ILE D 199 26.09 -7.15 2.37
N VAL D 200 25.93 -6.58 3.56
CA VAL D 200 24.66 -6.05 3.94
C VAL D 200 24.67 -4.58 3.53
N SER D 201 23.82 -4.21 2.58
CA SER D 201 23.96 -2.92 1.89
C SER D 201 22.61 -2.44 1.45
N HIS D 202 22.50 -1.75 0.31
CA HIS D 202 21.27 -1.11 -0.12
C HIS D 202 20.72 -1.79 -1.35
N SER D 203 19.52 -1.43 -1.74
CA SER D 203 18.95 -1.92 -2.98
C SER D 203 19.96 -1.92 -4.17
N SER D 204 20.54 -0.76 -4.45
CA SER D 204 21.45 -0.58 -5.58
C SER D 204 22.61 -1.59 -5.54
N ALA D 205 22.99 -2.01 -4.34
CA ALA D 205 24.13 -2.91 -4.20
C ALA D 205 23.87 -4.30 -4.80
N LEU D 206 22.62 -4.77 -4.81
CA LEU D 206 22.38 -6.07 -5.41
C LEU D 206 22.74 -6.08 -6.88
N ASP D 207 22.80 -4.92 -7.51
CA ASP D 207 23.23 -4.85 -8.90
C ASP D 207 24.69 -4.40 -9.01
N SER D 208 25.02 -3.28 -8.39
CA SER D 208 26.36 -2.67 -8.42
C SER D 208 27.45 -3.44 -7.71
N CYS D 209 27.10 -4.43 -6.92
CA CYS D 209 28.12 -5.22 -6.23
C CYS D 209 28.25 -6.64 -6.73
N THR D 210 27.42 -7.01 -7.69
CA THR D 210 27.49 -8.34 -8.23
C THR D 210 27.96 -8.28 -9.69
N ARG D 211 27.47 -7.31 -10.45
CA ARG D 211 27.85 -7.20 -11.84
C ARG D 211 29.36 -7.29 -12.04
N PRO D 212 30.14 -6.49 -11.28
CA PRO D 212 31.61 -6.61 -11.42
C PRO D 212 32.14 -8.03 -11.23
N LEU D 213 31.76 -8.72 -10.16
CA LEU D 213 32.10 -10.15 -10.00
C LEU D 213 31.75 -11.01 -11.21
N LEU D 214 30.58 -10.76 -11.77
CA LEU D 214 30.10 -11.53 -12.91
C LEU D 214 30.79 -11.13 -14.22
N GLY D 215 31.69 -10.15 -14.15
CA GLY D 215 32.36 -9.59 -15.32
C GLY D 215 31.46 -8.88 -16.30
N LEU D 216 30.33 -8.37 -15.83
CA LEU D 216 29.38 -7.67 -16.67
C LEU D 216 29.64 -6.18 -16.61
N PRO D 217 29.33 -5.46 -17.71
CA PRO D 217 29.43 -4.02 -17.65
C PRO D 217 28.25 -3.44 -16.85
N PRO D 218 28.43 -2.24 -16.26
CA PRO D 218 27.32 -1.57 -15.58
C PRO D 218 26.07 -1.47 -16.45
N ARG D 219 24.91 -1.68 -15.86
CA ARG D 219 23.64 -1.46 -16.56
C ARG D 219 23.55 0.00 -16.95
N GLU D 220 22.75 0.28 -17.97
CA GLU D 220 22.42 1.64 -18.32
C GLU D 220 21.72 2.28 -17.11
N CYS D 221 22.07 3.52 -16.79
CA CYS D 221 21.57 4.20 -15.59
C CYS D 221 20.06 4.13 -15.36
N GLY D 222 19.29 4.41 -16.39
CA GLY D 222 17.85 4.29 -16.31
C GLY D 222 17.41 2.86 -16.03
N ASP D 223 17.99 1.93 -16.77
CA ASP D 223 17.72 0.51 -16.57
C ASP D 223 17.99 0.09 -15.12
N PHE D 224 19.02 0.68 -14.52
CA PHE D 224 19.48 0.37 -13.17
C PHE D 224 18.53 0.85 -12.07
N ALA D 225 18.07 2.08 -12.18
CA ALA D 225 17.21 2.69 -11.18
C ALA D 225 15.86 2.01 -11.15
N GLN D 226 15.39 1.68 -12.34
CA GLN D 226 14.17 0.94 -12.58
C GLN D 226 14.17 -0.42 -11.89
N LEU D 227 15.30 -1.11 -11.92
CA LEU D 227 15.41 -2.41 -11.29
C LEU D 227 15.57 -2.33 -9.79
N VAL D 228 16.27 -1.34 -9.28
CA VAL D 228 16.58 -1.36 -7.86
C VAL D 228 15.42 -0.93 -6.94
N ARG D 229 14.42 -0.24 -7.46
CA ARG D 229 13.27 0.14 -6.64
C ARG D 229 12.43 -1.08 -6.32
N LYS D 230 12.60 -2.14 -7.10
CA LYS D 230 11.77 -3.35 -7.02
C LYS D 230 12.35 -4.32 -5.98
N ILE D 231 13.39 -3.90 -5.29
CA ILE D 231 14.01 -4.80 -4.32
C ILE D 231 13.41 -4.56 -2.95
N PRO D 232 12.90 -5.64 -2.34
CA PRO D 232 12.30 -5.56 -1.03
C PRO D 232 13.29 -5.79 0.09
N SER D 233 12.86 -5.49 1.33
CA SER D 233 13.73 -5.58 2.49
C SER D 233 14.25 -7.00 2.62
N LEU D 234 15.52 -7.15 2.92
CA LEU D 234 16.15 -8.44 3.01
C LEU D 234 16.19 -9.19 1.68
N GLY D 235 15.88 -8.48 0.60
CA GLY D 235 16.07 -9.04 -0.74
C GLY D 235 17.52 -9.38 -0.94
N MET D 236 17.75 -10.50 -1.62
CA MET D 236 19.09 -11.08 -1.76
C MET D 236 19.54 -11.39 -3.16
N CYS D 237 20.85 -11.41 -3.33
CA CYS D 237 21.45 -11.73 -4.59
C CYS D 237 22.72 -12.52 -4.29
N PHE D 238 22.78 -13.76 -4.79
CA PHE D 238 23.84 -14.69 -4.47
C PHE D 238 24.82 -15.01 -5.59
N CYS D 239 26.11 -14.85 -5.32
CA CYS D 239 27.15 -15.19 -6.29
C CYS D 239 28.09 -16.27 -5.77
N GLU D 240 28.39 -17.23 -6.63
CA GLU D 240 29.39 -18.26 -6.34
C GLU D 240 30.59 -18.20 -7.25
N GLU D 241 31.74 -18.56 -6.68
CA GLU D 241 33.00 -18.63 -7.43
C GLU D 241 33.27 -20.06 -7.88
N ASN D 242 33.43 -20.24 -9.20
CA ASN D 242 33.83 -21.52 -9.75
C ASN D 242 35.25 -21.94 -9.41
N ARG D 243 35.32 -23.20 -8.97
CA ARG D 243 36.54 -23.87 -8.51
C ARG D 243 37.68 -23.86 -9.53
N GLU D 244 37.37 -24.27 -10.75
CA GLU D 244 38.32 -24.10 -11.84
C GLU D 244 38.19 -22.65 -12.33
N ASP D 245 37.46 -22.43 -13.43
CA ASP D 245 37.34 -21.10 -14.05
C ASP D 245 37.75 -19.94 -13.15
N GLY D 246 37.16 -19.88 -11.96
CA GLY D 246 37.35 -18.76 -11.05
C GLY D 246 36.43 -17.61 -11.40
N LYS D 247 35.63 -17.81 -12.45
CA LYS D 247 34.55 -16.91 -12.82
C LYS D 247 33.47 -16.99 -11.73
N TRP D 248 32.65 -15.95 -11.64
CA TRP D 248 31.55 -15.92 -10.67
C TRP D 248 30.21 -16.20 -11.32
N ASP D 249 29.41 -17.01 -10.66
CA ASP D 249 28.09 -17.35 -11.19
C ASP D 249 26.96 -16.89 -10.30
N LEU D 250 25.97 -16.27 -10.93
CA LEU D 250 24.78 -15.83 -10.25
C LEU D 250 23.86 -17.02 -10.00
N VAL D 251 23.61 -17.29 -8.72
CA VAL D 251 22.80 -18.45 -8.33
C VAL D 251 21.74 -18.15 -7.29
N ASN D 252 20.87 -19.13 -7.04
CA ASN D 252 19.77 -19.01 -6.07
C ASN D 252 20.30 -18.70 -4.70
N PRO D 253 19.68 -17.71 -4.03
CA PRO D 253 20.06 -17.43 -2.66
C PRO D 253 19.69 -18.60 -1.77
N PRO D 254 20.50 -18.84 -0.73
CA PRO D 254 20.35 -20.00 0.15
C PRO D 254 19.13 -19.93 1.09
N VAL D 255 18.42 -18.80 1.09
CA VAL D 255 17.17 -18.69 1.84
C VAL D 255 16.02 -18.17 0.99
N LYS D 256 14.80 -18.62 1.34
CA LYS D 256 13.61 -18.27 0.61
C LYS D 256 13.30 -16.78 0.75
N THR D 257 12.36 -16.33 -0.06
CA THR D 257 11.96 -14.93 -0.03
C THR D 257 11.01 -14.64 1.13
N LEU D 258 10.88 -13.38 1.54
CA LEU D 258 9.97 -13.03 2.63
C LEU D 258 8.84 -12.09 2.19
N THR D 259 7.61 -12.61 2.13
CA THR D 259 6.49 -11.87 1.62
C THR D 259 5.47 -11.70 2.72
N HIS D 260 5.02 -10.47 3.00
CA HIS D 260 3.94 -10.26 4.01
C HIS D 260 3.25 -8.93 3.70
N GLY D 261 2.11 -8.73 4.34
CA GLY D 261 1.29 -7.55 4.06
C GLY D 261 1.62 -6.39 4.95
N ALA D 262 1.03 -5.26 4.66
CA ALA D 262 1.25 -4.10 5.55
C ALA D 262 0.24 -4.16 6.68
N ASN D 263 0.30 -3.14 7.53
CA ASN D 263 -0.60 -3.03 8.67
C ASN D 263 -0.88 -1.55 8.84
N SER D 264 -2.11 -1.17 8.54
CA SER D 264 -2.38 0.25 8.38
C SER D 264 -2.80 0.83 9.70
N VAL D 265 -2.62 2.13 9.86
CA VAL D 265 -2.89 2.79 11.15
C VAL D 265 -4.36 2.66 11.52
N PHE D 266 -4.60 2.44 12.81
CA PHE D 266 -5.94 2.24 13.33
C PHE D 266 -6.18 3.14 14.54
N ASN D 267 -7.46 3.38 14.84
CA ASN D 267 -7.91 4.13 16.03
C ASN D 267 -9.43 3.89 16.26
N TRP D 268 -9.80 3.22 17.35
CA TRP D 268 -11.24 2.94 17.59
C TRP D 268 -11.99 4.04 18.31
N ARG D 269 -11.43 4.51 19.43
CA ARG D 269 -12.03 5.57 20.27
C ARG D 269 -12.62 6.73 19.43
N ASN D 270 -11.87 7.18 18.44
CA ASN D 270 -12.34 8.16 17.44
C ASN D 270 -12.65 7.49 16.08
N TRP D 271 -13.93 7.46 15.75
CA TRP D 271 -14.47 6.80 14.56
C TRP D 271 -15.66 5.92 15.01
N ILE D 272 -16.54 6.54 15.80
CA ILE D 272 -17.78 5.94 16.28
C ILE D 272 -18.92 6.66 15.55
P PO4 E . 4.29 16.07 0.92
O1 PO4 E . 2.91 16.50 1.47
O2 PO4 E . 5.04 15.16 1.90
O3 PO4 E . 4.16 15.23 -0.33
O4 PO4 E . 5.02 17.38 0.63
P PO4 F . -12.48 -9.61 -12.02
O1 PO4 F . -11.64 -10.74 -11.43
O2 PO4 F . -13.77 -10.14 -12.62
O3 PO4 F . -11.64 -9.00 -13.12
O4 PO4 F . -12.86 -8.58 -10.97
P PO4 G . 16.11 2.52 0.29
O1 PO4 G . 15.35 1.86 1.43
O2 PO4 G . 15.38 3.79 -0.03
O3 PO4 G . 17.56 2.71 0.72
#